data_5HPM
#
_entry.id   5HPM
#
_cell.length_a   64.110
_cell.length_b   82.760
_cell.length_c   212.680
_cell.angle_alpha   90.00
_cell.angle_beta   90.00
_cell.angle_gamma   90.00
#
_symmetry.space_group_name_H-M   'P 21 21 21'
#
loop_
_entity.id
_entity.type
_entity.pdbx_description
1 polymer 'Cetuximab Fab light chain'
2 polymer 'Cetuximab Fab heavy chain'
3 polymer 'N-ACETYL-L-CYSTEINE, Cyclic amidated, acetylated linked meditope'
4 non-polymer 2-acetamido-2-deoxy-beta-D-glucopyranose
5 non-polymer 2-AMINO-3-MERCAPTO-PROPIONAMIDE
6 water water
#
loop_
_entity_poly.entity_id
_entity_poly.type
_entity_poly.pdbx_seq_one_letter_code
_entity_poly.pdbx_strand_id
1 'polypeptide(L)'
;DILLTQSPVILSVSPGERVSFSCRASQSIGTNIHWYQQRTNGSPRLLIKYASESISGIPSRFSGSGSGTDFTLSINSVES
EDIADYYCQQNNNWPTTFGAGTKLELKRTVAAPSVFIFPPSDEQLKSGTASVVCLLNNFYPREAKVQWKVDNALQSGNSQ
ESVTEQDSKDSTYSLSSTLTLSKADYEKHKVYACEVTHQGLSSPVTKSFNRGA
;
A,C
2 'polypeptide(L)'
;QVQLKQSGPGLVQPSQSLSITCTVSGFSLTNYGVHWVRQSPGKGLEWLGVIWSGGNTDYNTPFTSRLSINKDNSKSQVFF
KMNSLQSNDTAIYYCARALTYYDYEFAYWGQGTLVTVSAASTKGPSVFPLAPSSKSTSGGTAALGCLVKDYFPEPVTVSW
NSGALTSGVHTFPAVLQSSGLYSLSSVVTVPSSSLGTQTYICNVNHKPSNTKVDKRVEPKS
;
B,D
3 'polypeptide(L)' (ACE)CQFDLSTRRLK E,F
#
# COMPACT_ATOMS: atom_id res chain seq x y z
N ASP A 1 -3.86 -31.64 -5.17
CA ASP A 1 -4.52 -30.60 -4.41
C ASP A 1 -4.78 -29.36 -5.27
N ILE A 2 -5.93 -28.71 -5.04
CA ILE A 2 -6.25 -27.46 -5.69
C ILE A 2 -5.44 -26.34 -5.05
N LEU A 3 -4.68 -25.60 -5.86
CA LEU A 3 -3.94 -24.46 -5.37
C LEU A 3 -4.79 -23.20 -5.55
N LEU A 4 -5.07 -22.52 -4.44
CA LEU A 4 -5.84 -21.29 -4.45
C LEU A 4 -4.88 -20.12 -4.31
N THR A 5 -4.84 -19.25 -5.31
CA THR A 5 -3.97 -18.09 -5.32
C THR A 5 -4.80 -16.85 -5.05
N GLN A 6 -4.51 -16.16 -3.95
CA GLN A 6 -5.18 -14.92 -3.59
C GLN A 6 -4.29 -13.74 -3.93
N SER A 7 -4.84 -12.78 -4.67
CA SER A 7 -4.08 -11.61 -5.06
C SER A 7 -4.97 -10.36 -4.99
N PRO A 8 -4.39 -9.22 -4.58
CA PRO A 8 -3.00 -9.09 -4.14
C PRO A 8 -2.79 -9.61 -2.72
N VAL A 9 -1.54 -9.61 -2.25
CA VAL A 9 -1.28 -10.05 -0.88
C VAL A 9 -1.60 -8.96 0.14
N ILE A 10 -1.60 -7.69 -0.28
CA ILE A 10 -1.95 -6.58 0.61
C ILE A 10 -2.89 -5.65 -0.12
N LEU A 11 -3.92 -5.20 0.58
CA LEU A 11 -4.84 -4.17 0.09
C LEU A 11 -4.87 -3.02 1.08
N SER A 12 -4.95 -1.80 0.56
CA SER A 12 -4.96 -0.59 1.38
C SER A 12 -5.97 0.38 0.78
N VAL A 13 -7.06 0.62 1.49
CA VAL A 13 -8.14 1.47 1.04
C VAL A 13 -8.50 2.43 2.17
N SER A 14 -9.46 3.31 1.89
CA SER A 14 -9.99 4.28 2.84
C SER A 14 -11.41 3.91 3.24
N PRO A 15 -11.87 4.37 4.40
CA PRO A 15 -13.24 4.05 4.83
C PRO A 15 -14.28 4.54 3.84
N GLY A 16 -15.36 3.77 3.71
CA GLY A 16 -16.42 4.07 2.78
C GLY A 16 -16.20 3.59 1.37
N GLU A 17 -14.95 3.30 0.98
CA GLU A 17 -14.67 2.81 -0.35
C GLU A 17 -15.01 1.33 -0.47
N ARG A 18 -15.22 0.89 -1.71
CA ARG A 18 -15.47 -0.51 -2.00
C ARG A 18 -14.15 -1.23 -2.25
N VAL A 19 -14.10 -2.50 -1.83
CA VAL A 19 -12.89 -3.28 -1.98
C VAL A 19 -13.25 -4.69 -2.43
N SER A 20 -12.36 -5.30 -3.20
CA SER A 20 -12.56 -6.62 -3.79
C SER A 20 -11.35 -7.50 -3.54
N PHE A 21 -11.60 -8.75 -3.14
CA PHE A 21 -10.55 -9.75 -2.97
C PHE A 21 -10.67 -10.80 -4.08
N SER A 22 -9.53 -11.20 -4.65
CA SER A 22 -9.51 -12.21 -5.69
C SER A 22 -8.94 -13.52 -5.15
N CYS A 23 -9.56 -14.63 -5.56
CA CYS A 23 -9.10 -15.97 -5.22
C CYS A 23 -9.27 -16.84 -6.46
N ARG A 24 -8.17 -17.37 -6.97
CA ARG A 24 -8.17 -18.12 -8.21
C ARG A 24 -7.73 -19.56 -7.96
N ALA A 25 -8.44 -20.51 -8.56
CA ALA A 25 -8.18 -21.92 -8.39
C ALA A 25 -7.35 -22.45 -9.57
N SER A 26 -6.53 -23.46 -9.28
CA SER A 26 -5.69 -24.06 -10.31
C SER A 26 -6.49 -24.91 -11.30
N GLN A 27 -7.74 -25.21 -11.01
CA GLN A 27 -8.65 -25.84 -11.97
C GLN A 27 -10.08 -25.53 -11.53
N SER A 28 -11.02 -25.82 -12.42
CA SER A 28 -12.42 -25.47 -12.15
C SER A 28 -12.92 -26.15 -10.89
N ILE A 29 -13.61 -25.38 -10.04
CA ILE A 29 -14.16 -25.92 -8.81
C ILE A 29 -15.62 -25.51 -8.69
N GLY A 30 -16.20 -25.05 -9.79
CA GLY A 30 -17.60 -24.65 -9.77
C GLY A 30 -17.80 -23.43 -8.89
N THR A 31 -18.67 -23.57 -7.89
CA THR A 31 -18.91 -22.54 -6.89
C THR A 31 -18.57 -23.00 -5.49
N ASN A 32 -17.70 -24.01 -5.37
CA ASN A 32 -17.39 -24.62 -4.07
C ASN A 32 -16.22 -23.87 -3.43
N ILE A 33 -16.51 -22.64 -3.01
CA ILE A 33 -15.53 -21.79 -2.37
C ILE A 33 -16.17 -21.12 -1.16
N HIS A 34 -15.40 -20.98 -0.08
CA HIS A 34 -15.85 -20.32 1.14
C HIS A 34 -14.86 -19.24 1.52
N TRP A 35 -15.35 -18.19 2.16
CA TRP A 35 -14.53 -17.05 2.57
C TRP A 35 -14.53 -16.91 4.08
N TYR A 36 -13.37 -16.60 4.64
CA TYR A 36 -13.21 -16.46 6.08
C TYR A 36 -12.51 -15.15 6.41
N GLN A 37 -12.82 -14.62 7.58
CA GLN A 37 -12.19 -13.42 8.12
C GLN A 37 -11.45 -13.78 9.40
N GLN A 38 -10.25 -13.20 9.58
CA GLN A 38 -9.45 -13.44 10.77
C GLN A 38 -8.92 -12.10 11.29
N ARG A 39 -9.52 -11.61 12.36
CA ARG A 39 -9.05 -10.41 13.04
C ARG A 39 -7.85 -10.75 13.93
N THR A 40 -7.23 -9.70 14.47
CA THR A 40 -6.07 -9.87 15.32
C THR A 40 -6.41 -10.75 16.53
N ASN A 41 -5.58 -11.78 16.74
CA ASN A 41 -5.73 -12.72 17.85
C ASN A 41 -7.02 -13.53 17.77
N GLY A 42 -7.64 -13.61 16.59
CA GLY A 42 -8.91 -14.27 16.43
C GLY A 42 -8.79 -15.59 15.67
N SER A 43 -9.89 -16.33 15.72
CA SER A 43 -10.06 -17.51 14.88
C SER A 43 -10.79 -17.13 13.61
N PRO A 44 -10.71 -17.96 12.57
CA PRO A 44 -11.43 -17.65 11.32
C PRO A 44 -12.93 -17.48 11.56
N ARG A 45 -13.53 -16.56 10.80
CA ARG A 45 -14.95 -16.25 10.88
C ARG A 45 -15.56 -16.41 9.50
N LEU A 46 -16.49 -17.35 9.37
CA LEU A 46 -17.10 -17.66 8.07
C LEU A 46 -17.94 -16.49 7.59
N LEU A 47 -17.60 -15.95 6.42
CA LEU A 47 -18.29 -14.81 5.83
C LEU A 47 -19.25 -15.21 4.72
N ILE A 48 -18.78 -15.98 3.74
CA ILE A 48 -19.57 -16.40 2.60
C ILE A 48 -19.36 -17.89 2.40
N LYS A 49 -20.43 -18.59 2.05
CA LYS A 49 -20.36 -20.01 1.70
C LYS A 49 -20.85 -20.18 0.26
N TYR A 50 -20.18 -21.07 -0.47
CA TYR A 50 -20.52 -21.38 -1.87
C TYR A 50 -20.62 -20.11 -2.72
N ALA A 51 -19.49 -19.41 -2.81
CA ALA A 51 -19.29 -18.26 -3.70
C ALA A 51 -20.10 -17.03 -3.29
N SER A 52 -21.42 -17.19 -3.08
CA SER A 52 -22.27 -16.00 -2.93
C SER A 52 -23.29 -16.08 -1.80
N GLU A 53 -23.46 -17.21 -1.12
CA GLU A 53 -24.55 -17.37 -0.17
C GLU A 53 -24.22 -16.71 1.16
N SER A 54 -25.21 -16.02 1.72
CA SER A 54 -25.03 -15.26 2.95
C SER A 54 -24.91 -16.18 4.16
N ILE A 55 -24.30 -15.67 5.21
CA ILE A 55 -24.16 -16.35 6.49
C ILE A 55 -24.85 -15.52 7.55
N SER A 56 -25.51 -16.19 8.50
CA SER A 56 -26.19 -15.48 9.58
C SER A 56 -25.19 -14.68 10.41
N GLY A 57 -25.64 -13.51 10.87
CA GLY A 57 -24.82 -12.65 11.71
C GLY A 57 -23.72 -11.90 11.00
N ILE A 58 -23.50 -12.15 9.71
CA ILE A 58 -22.48 -11.43 8.95
C ILE A 58 -23.09 -10.17 8.38
N PRO A 59 -22.45 -9.01 8.54
CA PRO A 59 -23.02 -7.76 8.00
C PRO A 59 -23.26 -7.86 6.50
N SER A 60 -24.29 -7.15 6.05
CA SER A 60 -24.72 -7.25 4.65
C SER A 60 -23.71 -6.65 3.69
N ARG A 61 -22.77 -5.84 4.16
CA ARG A 61 -21.79 -5.25 3.25
C ARG A 61 -20.82 -6.28 2.70
N PHE A 62 -20.86 -7.52 3.20
CA PHE A 62 -20.05 -8.60 2.67
C PHE A 62 -20.87 -9.39 1.64
N SER A 63 -20.27 -9.62 0.47
CA SER A 63 -20.89 -10.44 -0.56
C SER A 63 -19.80 -11.09 -1.40
N GLY A 64 -20.21 -12.06 -2.21
CA GLY A 64 -19.27 -12.79 -3.04
C GLY A 64 -19.89 -13.15 -4.37
N SER A 65 -19.01 -13.44 -5.33
CA SER A 65 -19.43 -13.83 -6.67
C SER A 65 -18.31 -14.62 -7.31
N GLY A 66 -18.61 -15.21 -8.46
CA GLY A 66 -17.64 -15.97 -9.23
C GLY A 66 -18.10 -17.40 -9.46
N SER A 67 -17.39 -18.04 -10.38
CA SER A 67 -17.63 -19.43 -10.76
C SER A 67 -16.47 -19.92 -11.60
N GLY A 68 -16.23 -21.24 -11.57
CA GLY A 68 -15.15 -21.82 -12.32
C GLY A 68 -13.81 -21.73 -11.61
N THR A 69 -13.02 -20.70 -11.93
CA THR A 69 -11.74 -20.50 -11.30
C THR A 69 -11.53 -19.12 -10.70
N ASP A 70 -12.37 -18.14 -11.03
CA ASP A 70 -12.16 -16.75 -10.62
C ASP A 70 -13.29 -16.34 -9.67
N PHE A 71 -12.94 -16.04 -8.42
CA PHE A 71 -13.91 -15.71 -7.39
C PHE A 71 -13.53 -14.39 -6.72
N THR A 72 -14.55 -13.67 -6.27
CA THR A 72 -14.34 -12.33 -5.72
C THR A 72 -15.17 -12.14 -4.47
N LEU A 73 -14.50 -11.76 -3.38
CA LEU A 73 -15.14 -11.32 -2.15
C LEU A 73 -15.15 -9.80 -2.13
N SER A 74 -16.30 -9.20 -1.82
CA SER A 74 -16.45 -7.76 -1.92
C SER A 74 -17.01 -7.18 -0.62
N ILE A 75 -16.49 -6.00 -0.26
CA ILE A 75 -17.05 -5.16 0.79
C ILE A 75 -17.36 -3.82 0.15
N ASN A 76 -18.64 -3.44 0.15
CA ASN A 76 -19.07 -2.25 -0.59
C ASN A 76 -18.88 -0.95 0.17
N SER A 77 -18.52 -1.00 1.45
CA SER A 77 -18.28 0.22 2.22
C SER A 77 -17.44 -0.16 3.44
N VAL A 78 -16.12 -0.10 3.28
CA VAL A 78 -15.21 -0.61 4.31
C VAL A 78 -15.31 0.23 5.57
N GLU A 79 -15.38 -0.44 6.71
CA GLU A 79 -15.35 0.19 8.02
C GLU A 79 -14.06 -0.20 8.74
N SER A 80 -13.77 0.56 9.81
CA SER A 80 -12.52 0.35 10.55
C SER A 80 -12.46 -1.05 11.15
N GLU A 81 -13.60 -1.61 11.57
CA GLU A 81 -13.63 -2.94 12.16
C GLU A 81 -13.39 -4.04 11.14
N ASP A 82 -13.17 -3.71 9.86
CA ASP A 82 -12.91 -4.70 8.84
C ASP A 82 -11.44 -4.99 8.64
N ILE A 83 -10.56 -4.37 9.43
CA ILE A 83 -9.14 -4.66 9.36
C ILE A 83 -8.90 -6.09 9.80
N ALA A 84 -8.43 -6.92 8.88
CA ALA A 84 -8.20 -8.34 9.14
C ALA A 84 -7.45 -8.92 7.94
N ASP A 85 -7.27 -10.24 7.96
CA ASP A 85 -6.87 -11.01 6.80
C ASP A 85 -8.07 -11.81 6.31
N TYR A 86 -8.12 -12.07 5.01
CA TYR A 86 -9.25 -12.76 4.41
C TYR A 86 -8.74 -13.94 3.60
N TYR A 87 -9.34 -15.11 3.83
CA TYR A 87 -8.94 -16.35 3.20
C TYR A 87 -10.08 -16.95 2.40
N CYS A 88 -9.74 -17.66 1.34
CA CYS A 88 -10.69 -18.47 0.60
C CYS A 88 -10.38 -19.96 0.81
N GLN A 89 -11.41 -20.78 0.66
CA GLN A 89 -11.31 -22.22 0.87
C GLN A 89 -12.12 -22.93 -0.20
N GLN A 90 -11.52 -23.92 -0.84
CA GLN A 90 -12.24 -24.74 -1.82
C GLN A 90 -12.55 -26.11 -1.23
N ASN A 91 -13.70 -26.66 -1.61
CA ASN A 91 -14.08 -28.00 -1.18
C ASN A 91 -14.74 -28.77 -2.32
N ASN A 92 -14.34 -28.48 -3.55
CA ASN A 92 -14.80 -29.26 -4.70
C ASN A 92 -13.96 -30.51 -4.93
N ASN A 93 -12.75 -30.55 -4.37
CA ASN A 93 -11.86 -31.70 -4.52
CA ASN A 93 -11.85 -31.70 -4.52
C ASN A 93 -11.15 -31.96 -3.20
N TRP A 94 -11.21 -33.21 -2.75
CA TRP A 94 -10.55 -33.63 -1.52
C TRP A 94 -9.03 -33.69 -1.72
N PRO A 95 -8.26 -33.16 -0.76
CA PRO A 95 -8.76 -32.54 0.47
C PRO A 95 -9.06 -31.05 0.30
N THR A 96 -9.89 -30.50 1.18
CA THR A 96 -10.17 -29.07 1.14
C THR A 96 -8.91 -28.28 1.45
N THR A 97 -8.71 -27.18 0.74
CA THR A 97 -7.49 -26.39 0.83
C THR A 97 -7.83 -24.90 0.90
N PHE A 98 -7.00 -24.15 1.62
CA PHE A 98 -7.18 -22.73 1.81
C PHE A 98 -6.16 -21.96 0.98
N GLY A 99 -6.50 -20.72 0.65
CA GLY A 99 -5.55 -19.80 0.05
C GLY A 99 -4.59 -19.25 1.10
N ALA A 100 -3.70 -18.39 0.62
CA ALA A 100 -2.68 -17.79 1.49
C ALA A 100 -3.14 -16.48 2.13
N GLY A 101 -4.23 -15.91 1.66
CA GLY A 101 -4.85 -14.78 2.34
C GLY A 101 -4.43 -13.44 1.76
N THR A 102 -5.21 -12.42 2.10
CA THR A 102 -4.95 -11.04 1.71
C THR A 102 -5.13 -10.16 2.93
N LYS A 103 -4.19 -9.24 3.15
CA LYS A 103 -4.23 -8.33 4.29
C LYS A 103 -4.96 -7.04 3.89
N LEU A 104 -5.94 -6.64 4.69
CA LEU A 104 -6.68 -5.41 4.46
C LEU A 104 -6.20 -4.33 5.43
N GLU A 105 -5.47 -3.35 4.91
CA GLU A 105 -5.05 -2.19 5.69
C GLU A 105 -5.94 -1.01 5.37
N LEU A 106 -6.08 -0.10 6.33
CA LEU A 106 -6.95 1.06 6.20
C LEU A 106 -6.13 2.33 6.29
N LYS A 107 -6.39 3.26 5.37
CA LYS A 107 -5.81 4.58 5.43
C LYS A 107 -6.63 5.49 6.35
N ARG A 108 -5.98 6.53 6.83
CA ARG A 108 -6.65 7.54 7.63
C ARG A 108 -5.78 8.79 7.65
N THR A 109 -6.27 9.84 8.31
CA THR A 109 -5.50 11.06 8.43
C THR A 109 -4.25 10.83 9.26
N VAL A 110 -3.23 11.65 9.01
CA VAL A 110 -2.01 11.56 9.80
C VAL A 110 -2.31 11.88 11.25
N ALA A 111 -1.72 11.10 12.16
CA ALA A 111 -1.88 11.31 13.59
C ALA A 111 -0.52 11.18 14.25
N ALA A 112 -0.12 12.22 14.98
CA ALA A 112 1.20 12.21 15.62
C ALA A 112 1.17 11.33 16.88
N PRO A 113 2.28 10.67 17.19
CA PRO A 113 2.31 9.83 18.39
C PRO A 113 2.39 10.66 19.66
N SER A 114 1.74 10.16 20.70
CA SER A 114 1.97 10.64 22.06
C SER A 114 3.06 9.78 22.68
N VAL A 115 4.09 10.42 23.23
CA VAL A 115 5.31 9.74 23.66
C VAL A 115 5.37 9.73 25.18
N PHE A 116 5.67 8.56 25.74
CA PHE A 116 5.90 8.39 27.17
C PHE A 116 7.15 7.55 27.36
N ILE A 117 7.90 7.85 28.42
CA ILE A 117 9.12 7.10 28.75
C ILE A 117 8.99 6.57 30.17
N PHE A 118 9.40 5.32 30.35
CA PHE A 118 9.31 4.66 31.65
C PHE A 118 10.69 4.23 32.12
N PRO A 119 11.15 4.66 33.28
CA PRO A 119 12.41 4.13 33.82
C PRO A 119 12.24 2.68 34.22
N PRO A 120 13.34 1.96 34.45
CA PRO A 120 13.21 0.62 35.01
C PRO A 120 12.71 0.67 36.44
N SER A 121 11.90 -0.33 36.81
CA SER A 121 11.40 -0.39 38.17
C SER A 121 12.49 -0.85 39.12
N ASP A 122 12.42 -0.39 40.37
CA ASP A 122 13.32 -0.88 41.40
C ASP A 122 13.15 -2.38 41.61
N GLU A 123 11.97 -2.93 41.30
CA GLU A 123 11.78 -4.37 41.37
C GLU A 123 12.67 -5.10 40.37
N GLN A 124 12.75 -4.59 39.14
CA GLN A 124 13.56 -5.26 38.12
C GLN A 124 15.04 -5.13 38.42
N LEU A 125 15.47 -3.99 38.96
CA LEU A 125 16.88 -3.77 39.25
C LEU A 125 17.44 -4.77 40.25
N LYS A 126 16.58 -5.36 41.09
CA LYS A 126 17.03 -6.39 42.03
C LYS A 126 17.50 -7.65 41.32
N SER A 127 17.21 -7.81 40.02
CA SER A 127 17.61 -8.99 39.26
C SER A 127 18.77 -8.71 38.32
N GLY A 128 19.34 -7.51 38.34
CA GLY A 128 20.53 -7.22 37.58
C GLY A 128 20.31 -6.77 36.15
N THR A 129 19.08 -6.48 35.76
CA THR A 129 18.77 -6.04 34.40
C THR A 129 17.87 -4.81 34.46
N ALA A 130 18.10 -3.87 33.56
CA ALA A 130 17.32 -2.65 33.48
C ALA A 130 16.63 -2.59 32.12
N SER A 131 15.31 -2.35 32.13
CA SER A 131 14.54 -2.16 30.91
C SER A 131 13.97 -0.75 30.89
N VAL A 132 14.32 0.01 29.86
CA VAL A 132 13.81 1.36 29.67
C VAL A 132 12.85 1.33 28.49
N VAL A 133 11.58 1.61 28.75
CA VAL A 133 10.53 1.50 27.74
C VAL A 133 10.13 2.89 27.28
N CYS A 134 10.06 3.07 25.95
CA CYS A 134 9.62 4.30 25.32
C CYS A 134 8.38 3.95 24.50
N LEU A 135 7.26 4.62 24.79
CA LEU A 135 5.97 4.28 24.21
C LEU A 135 5.51 5.36 23.25
N LEU A 136 5.17 4.95 22.02
CA LEU A 136 4.60 5.82 21.00
C LEU A 136 3.15 5.37 20.79
N ASN A 137 2.20 6.21 21.17
CA ASN A 137 0.80 5.80 21.28
C ASN A 137 -0.05 6.48 20.22
N ASN A 138 -0.86 5.66 19.52
CA ASN A 138 -1.93 6.11 18.62
C ASN A 138 -1.41 7.10 17.57
N PHE A 139 -0.69 6.54 16.59
CA PHE A 139 -0.14 7.32 15.51
C PHE A 139 -0.40 6.64 14.17
N TYR A 140 -0.31 7.43 13.10
CA TYR A 140 -0.44 6.96 11.74
C TYR A 140 0.30 7.91 10.80
N PRO A 141 1.05 7.35 9.83
CA PRO A 141 1.17 5.93 9.51
C PRO A 141 2.18 5.16 10.37
N ARG A 142 2.48 3.93 9.96
CA ARG A 142 3.27 3.02 10.76
C ARG A 142 4.73 3.43 10.87
N GLU A 143 5.23 4.21 9.93
CA GLU A 143 6.64 4.57 9.92
C GLU A 143 6.97 5.49 11.08
N ALA A 144 7.99 5.13 11.85
CA ALA A 144 8.44 5.94 12.98
C ALA A 144 9.89 5.58 13.31
N LYS A 145 10.63 6.57 13.78
CA LYS A 145 12.02 6.41 14.18
C LYS A 145 12.13 6.68 15.67
N VAL A 146 12.81 5.79 16.38
CA VAL A 146 13.12 5.95 17.80
C VAL A 146 14.63 5.91 17.97
N GLN A 147 15.19 6.95 18.57
CA GLN A 147 16.63 7.08 18.77
C GLN A 147 16.91 7.16 20.26
N TRP A 148 17.69 6.20 20.77
CA TRP A 148 18.04 6.15 22.17
C TRP A 148 19.39 6.83 22.40
N LYS A 149 19.46 7.64 23.46
CA LYS A 149 20.70 8.28 23.86
C LYS A 149 20.88 8.18 25.36
N VAL A 150 22.04 7.68 25.77
CA VAL A 150 22.42 7.60 27.18
C VAL A 150 23.65 8.48 27.35
N ASP A 151 23.49 9.58 28.09
CA ASP A 151 24.57 10.55 28.30
C ASP A 151 25.18 10.99 26.97
N ASN A 152 24.32 11.29 26.00
CA ASN A 152 24.64 11.71 24.63
C ASN A 152 25.31 10.63 23.80
N ALA A 153 25.49 9.42 24.34
CA ALA A 153 26.00 8.31 23.55
C ALA A 153 24.85 7.66 22.80
N LEU A 154 25.01 7.53 21.47
CA LEU A 154 23.99 6.89 20.65
C LEU A 154 23.93 5.40 20.96
N GLN A 155 22.75 4.91 21.32
CA GLN A 155 22.54 3.49 21.57
C GLN A 155 22.22 2.79 20.26
N SER A 156 22.79 1.59 20.08
CA SER A 156 22.59 0.85 18.85
C SER A 156 22.72 -0.64 19.13
N GLY A 157 21.74 -1.42 18.68
CA GLY A 157 21.74 -2.86 18.86
C GLY A 157 21.20 -3.36 20.17
N ASN A 158 21.01 -2.48 21.17
CA ASN A 158 20.56 -2.86 22.49
C ASN A 158 19.12 -2.41 22.75
N SER A 159 18.29 -2.45 21.72
CA SER A 159 16.87 -2.10 21.86
C SER A 159 16.07 -2.96 20.89
N GLN A 160 14.78 -3.11 21.21
CA GLN A 160 13.87 -3.90 20.38
C GLN A 160 12.54 -3.17 20.27
N GLU A 161 11.95 -3.22 19.07
CA GLU A 161 10.67 -2.56 18.81
C GLU A 161 9.56 -3.59 18.65
N SER A 162 8.35 -3.14 18.95
CA SER A 162 7.15 -3.95 18.76
C SER A 162 6.00 -3.03 18.39
N VAL A 163 5.28 -3.38 17.34
CA VAL A 163 4.18 -2.56 16.83
C VAL A 163 2.90 -3.38 16.89
N THR A 164 1.87 -2.82 17.51
CA THR A 164 0.57 -3.48 17.48
C THR A 164 0.04 -3.50 16.05
N GLU A 165 -0.87 -4.45 15.80
CA GLU A 165 -1.63 -4.38 14.57
C GLU A 165 -2.54 -3.16 14.61
N GLN A 166 -3.18 -2.88 13.48
CA GLN A 166 -4.00 -1.68 13.39
C GLN A 166 -5.22 -1.78 14.32
N ASP A 167 -5.51 -0.68 15.00
CA ASP A 167 -6.64 -0.64 15.91
C ASP A 167 -7.95 -0.69 15.14
N SER A 168 -8.90 -1.49 15.65
CA SER A 168 -10.16 -1.66 14.93
C SER A 168 -11.07 -0.44 15.02
N LYS A 169 -10.78 0.52 15.91
CA LYS A 169 -11.67 1.66 16.12
C LYS A 169 -11.17 2.94 15.46
N ASP A 170 -9.89 3.28 15.59
CA ASP A 170 -9.36 4.52 15.03
C ASP A 170 -8.23 4.29 14.03
N SER A 171 -7.92 3.04 13.70
CA SER A 171 -6.96 2.69 12.65
C SER A 171 -5.54 3.15 12.96
N THR A 172 -5.22 3.41 14.22
CA THR A 172 -3.89 3.85 14.57
C THR A 172 -3.01 2.67 14.98
N TYR A 173 -1.70 2.91 15.00
CA TYR A 173 -0.75 1.96 15.53
C TYR A 173 -0.16 2.50 16.84
N SER A 174 0.38 1.59 17.63
CA SER A 174 1.14 1.95 18.82
C SER A 174 2.45 1.17 18.81
N LEU A 175 3.50 1.82 19.31
CA LEU A 175 4.85 1.26 19.23
C LEU A 175 5.52 1.31 20.59
N SER A 176 6.22 0.24 20.92
CA SER A 176 7.05 0.17 22.12
C SER A 176 8.50 0.00 21.73
N SER A 177 9.38 0.80 22.33
CA SER A 177 10.82 0.67 22.15
C SER A 177 11.44 0.39 23.51
N THR A 178 12.07 -0.77 23.66
CA THR A 178 12.61 -1.23 24.94
C THR A 178 14.14 -1.28 24.84
N LEU A 179 14.80 -0.36 25.54
CA LEU A 179 16.25 -0.38 25.66
C LEU A 179 16.64 -1.24 26.87
N THR A 180 17.57 -2.16 26.66
CA THR A 180 17.94 -3.12 27.70
C THR A 180 19.42 -2.96 28.04
N LEU A 181 19.69 -2.66 29.31
CA LEU A 181 21.04 -2.55 29.84
C LEU A 181 21.22 -3.56 30.97
N SER A 182 22.48 -3.78 31.34
CA SER A 182 22.75 -4.44 32.61
C SER A 182 22.57 -3.44 33.75
N LYS A 183 22.35 -3.97 34.96
CA LYS A 183 22.23 -3.06 36.10
C LYS A 183 23.51 -2.29 36.32
N ALA A 184 24.67 -2.91 36.03
CA ALA A 184 25.94 -2.21 36.18
C ALA A 184 26.02 -1.01 35.25
N ASP A 185 25.70 -1.22 33.97
CA ASP A 185 25.78 -0.11 33.01
C ASP A 185 24.72 0.94 33.27
N TYR A 186 23.53 0.52 33.73
CA TYR A 186 22.48 1.49 34.03
C TYR A 186 22.86 2.39 35.19
N GLU A 187 23.61 1.88 36.16
CA GLU A 187 23.97 2.70 37.31
C GLU A 187 25.16 3.62 37.04
N LYS A 188 25.87 3.42 35.94
CA LYS A 188 27.01 4.26 35.58
C LYS A 188 26.62 5.46 34.72
N HIS A 189 25.33 5.73 34.54
CA HIS A 189 24.89 6.80 33.65
C HIS A 189 23.75 7.56 34.33
N LYS A 190 23.36 8.67 33.70
CA LYS A 190 22.39 9.58 34.31
C LYS A 190 21.19 9.89 33.41
N VAL A 191 21.45 10.37 32.20
CA VAL A 191 20.40 10.89 31.32
C VAL A 191 20.02 9.82 30.31
N TYR A 192 18.73 9.51 30.25
CA TYR A 192 18.18 8.53 29.32
C TYR A 192 17.07 9.17 28.51
N ALA A 193 17.25 9.25 27.20
CA ALA A 193 16.31 9.94 26.33
C ALA A 193 16.02 9.11 25.09
N CYS A 194 14.74 9.00 24.73
CA CYS A 194 14.32 8.45 23.46
C CYS A 194 13.78 9.59 22.60
N GLU A 195 14.34 9.75 21.41
CA GLU A 195 13.92 10.76 20.46
C GLU A 195 13.03 10.11 19.41
N VAL A 196 11.87 10.70 19.16
CA VAL A 196 10.86 10.13 18.27
C VAL A 196 10.69 11.05 17.08
N THR A 197 10.74 10.47 15.88
CA THR A 197 10.50 11.17 14.63
C THR A 197 9.32 10.52 13.94
N HIS A 198 8.36 11.34 13.51
CA HIS A 198 7.17 10.84 12.84
C HIS A 198 6.69 11.91 11.86
N GLN A 199 5.91 11.47 10.86
CA GLN A 199 5.41 12.39 9.84
C GLN A 199 4.52 13.47 10.43
N GLY A 200 3.77 13.16 11.48
CA GLY A 200 2.86 14.10 12.10
C GLY A 200 3.46 15.05 13.10
N LEU A 201 4.78 14.99 13.32
CA LEU A 201 5.47 15.91 14.21
C LEU A 201 6.30 16.88 13.38
N SER A 202 6.20 18.17 13.71
CA SER A 202 6.98 19.17 12.98
C SER A 202 8.45 19.12 13.33
N SER A 203 8.79 18.55 14.48
CA SER A 203 10.19 18.39 14.89
C SER A 203 10.24 17.26 15.91
N PRO A 204 11.37 16.55 16.02
CA PRO A 204 11.40 15.36 16.88
C PRO A 204 11.08 15.67 18.33
N VAL A 205 10.32 14.76 18.95
CA VAL A 205 9.92 14.87 20.35
C VAL A 205 10.83 13.98 21.18
N THR A 206 11.40 14.54 22.25
CA THR A 206 12.31 13.82 23.11
C THR A 206 11.74 13.76 24.52
N LYS A 207 11.60 12.55 25.06
CA LYS A 207 11.26 12.33 26.45
C LYS A 207 12.48 11.76 27.17
N SER A 208 12.77 12.29 28.36
CA SER A 208 13.98 11.93 29.05
C SER A 208 13.78 11.99 30.55
N PHE A 209 14.69 11.34 31.27
CA PHE A 209 14.70 11.39 32.72
C PHE A 209 16.13 11.22 33.21
N ASN A 210 16.39 11.71 34.41
CA ASN A 210 17.67 11.47 35.09
C ASN A 210 17.45 10.40 36.15
N ARG A 211 18.34 9.40 36.17
CA ARG A 211 18.23 8.32 37.13
C ARG A 211 18.21 8.87 38.55
N GLY A 212 17.02 8.93 39.14
CA GLY A 212 16.81 9.62 40.40
C GLY A 212 16.00 10.89 40.22
N ALA A 213 16.69 12.00 39.95
CA ALA A 213 16.05 13.28 39.69
C ALA A 213 16.99 14.23 38.94
N GLN B 1 -25.22 -21.05 23.03
CA GLN B 1 -25.18 -21.46 21.63
C GLN B 1 -24.10 -22.52 21.39
N VAL B 2 -23.67 -22.64 20.13
CA VAL B 2 -22.64 -23.61 19.76
C VAL B 2 -21.27 -23.06 20.14
N GLN B 3 -20.48 -23.86 20.86
CA GLN B 3 -19.17 -23.45 21.32
C GLN B 3 -18.21 -24.63 21.26
N LEU B 4 -16.94 -24.33 20.98
CA LEU B 4 -15.86 -25.30 21.01
C LEU B 4 -14.72 -24.70 21.83
N LYS B 5 -14.34 -25.38 22.91
CA LYS B 5 -13.29 -24.90 23.80
C LYS B 5 -12.17 -25.93 23.86
N GLN B 6 -10.96 -25.48 23.62
CA GLN B 6 -9.80 -26.36 23.52
C GLN B 6 -8.92 -26.27 24.76
N SER B 7 -8.13 -27.30 24.98
CA SER B 7 -7.18 -27.31 26.07
C SER B 7 -6.08 -26.27 25.83
N GLY B 8 -5.38 -25.93 26.91
CA GLY B 8 -4.43 -24.84 26.89
C GLY B 8 -3.21 -25.07 26.02
N PRO B 9 -2.50 -24.00 25.71
CA PRO B 9 -1.28 -24.11 24.93
C PRO B 9 -0.12 -24.62 25.78
N GLY B 10 0.87 -25.18 25.09
CA GLY B 10 2.00 -25.74 25.82
C GLY B 10 3.13 -26.10 24.88
N LEU B 11 4.24 -26.49 25.49
CA LEU B 11 5.44 -26.91 24.77
C LEU B 11 5.40 -28.41 24.52
N VAL B 12 5.98 -28.82 23.39
CA VAL B 12 6.18 -30.23 23.09
C VAL B 12 7.61 -30.41 22.60
N GLN B 13 8.31 -31.39 23.18
CA GLN B 13 9.67 -31.66 22.79
CA GLN B 13 9.67 -31.65 22.78
C GLN B 13 9.72 -32.26 21.39
N PRO B 14 10.80 -32.04 20.64
CA PRO B 14 10.90 -32.60 19.29
C PRO B 14 10.79 -34.13 19.32
N SER B 15 10.15 -34.67 18.29
CA SER B 15 9.92 -36.11 18.14
C SER B 15 9.01 -36.68 19.22
N GLN B 16 8.16 -35.86 19.83
CA GLN B 16 7.20 -36.31 20.83
C GLN B 16 5.79 -35.96 20.38
N SER B 17 4.81 -36.47 21.10
CA SER B 17 3.42 -36.42 20.65
C SER B 17 2.70 -35.19 21.19
N LEU B 18 1.62 -34.82 20.51
CA LEU B 18 0.79 -33.67 20.84
C LEU B 18 -0.63 -34.13 21.12
N SER B 19 -1.22 -33.60 22.19
CA SER B 19 -2.58 -33.98 22.59
C SER B 19 -3.38 -32.72 22.90
N ILE B 20 -4.47 -32.52 22.16
CA ILE B 20 -5.39 -31.42 22.40
C ILE B 20 -6.79 -32.00 22.58
N THR B 21 -7.54 -31.45 23.52
CA THR B 21 -8.90 -31.86 23.79
C THR B 21 -9.86 -30.74 23.37
N CYS B 22 -10.87 -31.10 22.58
CA CYS B 22 -11.89 -30.17 22.13
C CYS B 22 -13.20 -30.57 22.80
N THR B 23 -13.64 -29.77 23.78
CA THR B 23 -14.91 -29.96 24.45
C THR B 23 -15.95 -29.05 23.79
N VAL B 24 -17.06 -29.63 23.36
CA VAL B 24 -18.07 -28.91 22.62
C VAL B 24 -19.34 -28.80 23.46
N SER B 25 -20.19 -27.84 23.09
CA SER B 25 -21.51 -27.69 23.68
C SER B 25 -22.41 -27.04 22.64
N GLY B 26 -23.72 -27.04 22.93
CA GLY B 26 -24.71 -26.53 22.01
C GLY B 26 -25.10 -27.49 20.91
N PHE B 27 -24.51 -28.68 20.87
CA PHE B 27 -24.83 -29.70 19.89
C PHE B 27 -24.20 -31.01 20.36
N SER B 28 -24.59 -32.10 19.73
CA SER B 28 -24.15 -33.43 20.12
C SER B 28 -23.16 -33.97 19.11
N LEU B 29 -22.08 -34.59 19.59
CA LEU B 29 -21.10 -35.20 18.71
C LEU B 29 -21.68 -36.37 17.92
N THR B 30 -22.88 -36.83 18.26
CA THR B 30 -23.56 -37.86 17.50
C THR B 30 -24.30 -37.31 16.28
N ASN B 31 -24.44 -35.98 16.17
CA ASN B 31 -25.13 -35.36 15.05
C ASN B 31 -24.22 -34.55 14.14
N TYR B 32 -23.01 -34.23 14.58
CA TYR B 32 -22.10 -33.41 13.78
C TYR B 32 -20.69 -33.98 13.88
N GLY B 33 -19.94 -33.81 12.79
CA GLY B 33 -18.53 -34.14 12.80
C GLY B 33 -17.69 -32.93 13.20
N VAL B 34 -16.54 -33.22 13.81
CA VAL B 34 -15.61 -32.19 14.28
C VAL B 34 -14.34 -32.28 13.45
N HIS B 35 -13.93 -31.15 12.88
CA HIS B 35 -12.73 -31.07 12.05
C HIS B 35 -11.57 -30.45 12.83
N TRP B 36 -10.37 -30.69 12.32
CA TRP B 36 -9.15 -30.14 12.92
C TRP B 36 -8.34 -29.44 11.84
N VAL B 37 -8.10 -28.15 12.03
CA VAL B 37 -7.29 -27.33 11.13
C VAL B 37 -6.15 -26.74 11.92
N ARG B 38 -5.00 -26.58 11.28
CA ARG B 38 -3.87 -25.90 11.89
C ARG B 38 -3.42 -24.75 11.00
N GLN B 39 -2.70 -23.81 11.62
CA GLN B 39 -2.25 -22.59 10.93
C GLN B 39 -0.81 -22.32 11.35
N SER B 40 0.12 -22.51 10.42
CA SER B 40 1.55 -22.36 10.66
C SER B 40 2.11 -21.21 9.85
N PRO B 41 3.28 -20.67 10.24
CA PRO B 41 3.89 -19.61 9.42
C PRO B 41 4.22 -20.07 8.00
N GLY B 42 4.74 -21.28 7.85
CA GLY B 42 5.18 -21.77 6.55
C GLY B 42 4.06 -22.13 5.60
N LYS B 43 3.10 -22.94 6.07
CA LYS B 43 2.07 -23.50 5.20
C LYS B 43 0.71 -22.84 5.37
N GLY B 44 0.55 -21.93 6.33
CA GLY B 44 -0.72 -21.25 6.49
C GLY B 44 -1.80 -22.18 7.00
N LEU B 45 -3.02 -21.99 6.50
CA LEU B 45 -4.13 -22.83 6.89
C LEU B 45 -4.05 -24.19 6.21
N GLU B 46 -4.28 -25.25 7.00
CA GLU B 46 -4.00 -26.61 6.58
C GLU B 46 -5.03 -27.52 7.24
N TRP B 47 -5.90 -28.12 6.44
CA TRP B 47 -6.89 -29.05 6.97
C TRP B 47 -6.24 -30.39 7.28
N LEU B 48 -6.46 -30.90 8.48
CA LEU B 48 -5.78 -32.10 8.96
C LEU B 48 -6.69 -33.33 8.94
N GLY B 49 -7.88 -33.25 9.52
CA GLY B 49 -8.73 -34.41 9.56
C GLY B 49 -10.08 -34.10 10.18
N VAL B 50 -10.87 -35.16 10.36
CA VAL B 50 -12.24 -35.04 10.85
C VAL B 50 -12.65 -36.37 11.45
N ILE B 51 -13.40 -36.32 12.55
CA ILE B 51 -14.11 -37.47 13.08
C ILE B 51 -15.60 -37.23 12.88
N TRP B 52 -16.27 -38.19 12.28
CA TRP B 52 -17.66 -38.02 11.89
C TRP B 52 -18.60 -38.42 13.02
N SER B 53 -19.90 -38.25 12.79
CA SER B 53 -20.89 -38.59 13.81
C SER B 53 -20.79 -40.06 14.21
N GLY B 54 -20.72 -40.94 13.20
CA GLY B 54 -20.67 -42.37 13.43
C GLY B 54 -19.36 -42.92 13.96
N GLY B 55 -18.34 -42.09 14.13
CA GLY B 55 -17.06 -42.52 14.66
C GLY B 55 -15.98 -42.74 13.63
N ASN B 56 -16.29 -42.61 12.34
CA ASN B 56 -15.26 -42.75 11.31
C ASN B 56 -14.35 -41.52 11.31
N THR B 57 -13.16 -41.70 10.74
CA THR B 57 -12.19 -40.62 10.63
C THR B 57 -11.58 -40.60 9.25
N ASP B 58 -11.30 -39.40 8.75
CA ASP B 58 -10.52 -39.18 7.55
C ASP B 58 -9.34 -38.28 7.91
N TYR B 59 -8.14 -38.67 7.48
CA TYR B 59 -6.94 -37.89 7.71
C TYR B 59 -6.38 -37.39 6.39
N ASN B 60 -5.98 -36.13 6.37
CA ASN B 60 -5.29 -35.59 5.21
C ASN B 60 -4.04 -36.41 4.92
N THR B 61 -3.71 -36.53 3.64
CA THR B 61 -2.71 -37.49 3.18
C THR B 61 -1.38 -37.42 3.93
N PRO B 62 -0.72 -36.26 4.07
CA PRO B 62 0.60 -36.24 4.73
C PRO B 62 0.56 -36.53 6.22
N PHE B 63 -0.62 -36.74 6.80
CA PHE B 63 -0.73 -36.97 8.24
C PHE B 63 -1.36 -38.32 8.59
N THR B 64 -1.70 -39.15 7.60
CA THR B 64 -2.35 -40.43 7.89
C THR B 64 -1.48 -41.33 8.76
N SER B 65 -0.17 -41.12 8.79
CA SER B 65 0.73 -42.00 9.52
C SER B 65 0.92 -41.60 10.98
N ARG B 66 0.68 -40.34 11.33
CA ARG B 66 0.93 -39.88 12.70
C ARG B 66 -0.27 -39.16 13.32
N LEU B 67 -1.45 -39.23 12.70
CA LEU B 67 -2.63 -38.57 13.22
C LEU B 67 -3.61 -39.60 13.77
N SER B 68 -4.29 -39.22 14.85
CA SER B 68 -5.27 -40.10 15.48
C SER B 68 -6.31 -39.25 16.19
N ILE B 69 -7.56 -39.35 15.76
CA ILE B 69 -8.67 -38.59 16.33
C ILE B 69 -9.63 -39.57 17.00
N ASN B 70 -10.03 -39.26 18.22
CA ASN B 70 -11.02 -40.04 18.95
C ASN B 70 -11.98 -39.09 19.65
N LYS B 71 -13.04 -39.66 20.22
CA LYS B 71 -14.02 -38.83 20.90
C LYS B 71 -14.75 -39.66 21.95
N ASP B 72 -15.51 -38.94 22.79
CA ASP B 72 -16.37 -39.52 23.82
C ASP B 72 -17.70 -38.77 23.73
N ASN B 73 -18.68 -39.41 23.11
CA ASN B 73 -19.96 -38.74 22.87
C ASN B 73 -20.62 -38.30 24.17
N SER B 74 -20.55 -39.15 25.20
CA SER B 74 -21.16 -38.80 26.49
C SER B 74 -20.52 -37.54 27.06
N LYS B 75 -19.20 -37.51 27.16
CA LYS B 75 -18.49 -36.37 27.71
C LYS B 75 -18.33 -35.22 26.73
N SER B 76 -18.82 -35.38 25.49
CA SER B 76 -18.81 -34.31 24.48
C SER B 76 -17.40 -33.79 24.23
N GLN B 77 -16.44 -34.71 24.13
CA GLN B 77 -15.03 -34.34 23.96
C GLN B 77 -14.47 -35.04 22.73
N VAL B 78 -13.67 -34.32 21.96
CA VAL B 78 -12.93 -34.86 20.82
C VAL B 78 -11.45 -34.79 21.16
N PHE B 79 -10.73 -35.89 20.93
CA PHE B 79 -9.33 -36.00 21.33
C PHE B 79 -8.45 -36.06 20.09
N PHE B 80 -7.53 -35.11 19.98
CA PHE B 80 -6.60 -34.98 18.87
C PHE B 80 -5.22 -35.39 19.36
N LYS B 81 -4.56 -36.28 18.62
CA LYS B 81 -3.22 -36.72 18.95
C LYS B 81 -2.40 -36.86 17.67
N MET B 82 -1.27 -36.16 17.60
CA MET B 82 -0.34 -36.25 16.49
C MET B 82 1.03 -36.66 17.02
N ASN B 83 1.65 -37.62 16.36
CA ASN B 83 2.92 -38.18 16.82
C ASN B 83 4.12 -37.53 16.15
N SER B 84 5.27 -37.67 16.81
CA SER B 84 6.58 -37.27 16.30
C SER B 84 6.56 -35.89 15.64
N LEU B 85 6.52 -34.84 16.46
CA LEU B 85 6.50 -33.48 15.96
C LEU B 85 7.91 -32.96 15.71
N GLN B 86 8.03 -32.12 14.70
CA GLN B 86 9.25 -31.39 14.40
C GLN B 86 8.95 -29.90 14.46
N SER B 87 10.02 -29.11 14.37
CA SER B 87 9.93 -27.67 14.57
C SER B 87 8.85 -27.05 13.69
N ASN B 88 8.72 -27.53 12.46
CA ASN B 88 7.79 -26.92 11.53
C ASN B 88 6.33 -27.39 11.74
N ASP B 89 6.09 -28.22 12.75
CA ASP B 89 4.74 -28.51 13.22
C ASP B 89 4.26 -27.48 14.23
N THR B 90 5.11 -26.52 14.59
CA THR B 90 4.73 -25.40 15.44
C THR B 90 3.66 -24.58 14.75
N ALA B 91 2.48 -24.51 15.34
CA ALA B 91 1.35 -23.85 14.71
C ALA B 91 0.22 -23.70 15.72
N ILE B 92 -0.80 -22.97 15.32
CA ILE B 92 -2.05 -22.91 16.06
C ILE B 92 -2.96 -24.02 15.53
N TYR B 93 -3.47 -24.85 16.44
CA TYR B 93 -4.37 -25.93 16.09
C TYR B 93 -5.79 -25.58 16.51
N TYR B 94 -6.73 -25.70 15.58
CA TYR B 94 -8.14 -25.45 15.84
C TYR B 94 -8.94 -26.74 15.73
N CYS B 95 -10.05 -26.78 16.46
CA CYS B 95 -11.14 -27.69 16.19
C CYS B 95 -12.33 -26.88 15.71
N ALA B 96 -13.05 -27.40 14.71
CA ALA B 96 -14.12 -26.64 14.08
C ALA B 96 -15.28 -27.55 13.73
N ARG B 97 -16.44 -26.94 13.54
CA ARG B 97 -17.65 -27.64 13.15
C ARG B 97 -18.28 -26.95 11.95
N ALA B 98 -18.92 -27.74 11.10
CA ALA B 98 -19.52 -27.21 9.89
C ALA B 98 -20.98 -26.81 10.13
N LEU B 99 -21.56 -26.14 9.13
CA LEU B 99 -22.98 -25.79 9.20
C LEU B 99 -23.84 -27.05 9.18
N THR B 100 -23.59 -27.94 8.23
CA THR B 100 -24.32 -29.20 8.12
C THR B 100 -23.40 -30.34 8.55
N TYR B 101 -24.02 -31.49 8.83
CA TYR B 101 -23.28 -32.60 9.41
C TYR B 101 -22.27 -33.21 8.45
N TYR B 102 -22.47 -33.06 7.14
CA TYR B 102 -21.65 -33.72 6.14
C TYR B 102 -20.67 -32.78 5.45
N ASP B 103 -20.74 -31.48 5.71
CA ASP B 103 -20.10 -30.49 4.87
C ASP B 103 -18.79 -29.99 5.49
N TYR B 104 -18.15 -29.05 4.80
CA TYR B 104 -16.84 -28.55 5.20
C TYR B 104 -16.78 -27.03 5.33
N GLU B 105 -17.91 -26.34 5.31
CA GLU B 105 -17.91 -24.89 5.54
C GLU B 105 -17.93 -24.68 7.04
N PHE B 106 -16.85 -24.12 7.58
CA PHE B 106 -16.62 -24.11 9.02
C PHE B 106 -17.18 -22.83 9.63
N ALA B 107 -18.35 -22.94 10.25
CA ALA B 107 -19.03 -21.80 10.83
C ALA B 107 -18.70 -21.58 12.31
N TYR B 108 -18.23 -22.63 13.00
CA TYR B 108 -17.90 -22.54 14.42
C TYR B 108 -16.48 -23.07 14.63
N TRP B 109 -15.64 -22.27 15.28
CA TRP B 109 -14.24 -22.60 15.51
C TRP B 109 -13.93 -22.59 17.00
N GLY B 110 -13.03 -23.47 17.41
CA GLY B 110 -12.42 -23.35 18.71
C GLY B 110 -11.51 -22.13 18.79
N GLN B 111 -11.15 -21.75 20.01
CA GLN B 111 -10.33 -20.56 20.19
C GLN B 111 -8.89 -20.77 19.77
N GLY B 112 -8.49 -21.99 19.48
CA GLY B 112 -7.14 -22.25 19.01
C GLY B 112 -6.19 -22.58 20.13
N THR B 113 -5.23 -23.45 19.82
CA THR B 113 -4.21 -23.87 20.77
C THR B 113 -2.86 -23.68 20.10
N LEU B 114 -2.06 -22.74 20.60
CA LEU B 114 -0.73 -22.48 20.07
C LEU B 114 0.23 -23.53 20.62
N VAL B 115 0.74 -24.38 19.73
CA VAL B 115 1.67 -25.44 20.10
C VAL B 115 3.05 -25.07 19.60
N THR B 116 4.04 -25.06 20.50
CA THR B 116 5.42 -24.76 20.17
C THR B 116 6.24 -26.04 20.28
N VAL B 117 6.87 -26.42 19.18
CA VAL B 117 7.78 -27.56 19.17
C VAL B 117 9.19 -27.04 19.42
N SER B 118 9.75 -27.39 20.56
CA SER B 118 11.09 -26.91 20.93
C SER B 118 11.65 -27.80 22.03
N ALA B 119 12.97 -27.87 22.08
CA ALA B 119 13.69 -28.62 23.10
C ALA B 119 13.94 -27.81 24.36
N ALA B 120 13.55 -26.54 24.37
CA ALA B 120 13.84 -25.65 25.49
C ALA B 120 12.97 -26.02 26.70
N SER B 121 13.03 -25.19 27.73
CA SER B 121 12.27 -25.40 28.96
C SER B 121 11.14 -24.38 29.06
N THR B 122 10.06 -24.79 29.71
CA THR B 122 9.00 -23.86 30.04
C THR B 122 9.43 -22.96 31.18
N LYS B 123 9.25 -21.65 31.02
CA LYS B 123 9.66 -20.69 32.04
C LYS B 123 8.62 -19.59 32.15
N GLY B 124 8.20 -19.31 33.39
CA GLY B 124 7.23 -18.27 33.65
C GLY B 124 7.86 -16.90 33.63
N PRO B 125 7.04 -15.87 33.45
CA PRO B 125 7.57 -14.51 33.34
C PRO B 125 7.63 -13.78 34.68
N SER B 126 8.58 -12.86 34.76
CA SER B 126 8.53 -11.82 35.77
C SER B 126 7.67 -10.67 35.27
N VAL B 127 6.96 -10.03 36.19
CA VAL B 127 6.07 -8.92 35.85
C VAL B 127 6.55 -7.69 36.61
N PHE B 128 6.93 -6.66 35.85
CA PHE B 128 7.43 -5.43 36.44
C PHE B 128 6.54 -4.26 36.05
N PRO B 129 6.36 -3.28 36.94
CA PRO B 129 5.45 -2.18 36.65
C PRO B 129 6.07 -1.11 35.77
N LEU B 130 5.23 -0.53 34.91
CA LEU B 130 5.57 0.65 34.13
C LEU B 130 4.79 1.80 34.74
N ALA B 131 5.40 2.46 35.72
CA ALA B 131 4.71 3.43 36.57
C ALA B 131 4.47 4.74 35.81
N PRO B 132 3.30 5.36 35.98
CA PRO B 132 3.07 6.68 35.40
C PRO B 132 3.82 7.75 36.17
N SER B 133 4.00 8.90 35.51
CA SER B 133 4.65 10.04 36.14
C SER B 133 4.00 11.35 35.73
N SER B 138 0.73 13.95 29.87
CA SER B 138 0.43 14.73 28.69
C SER B 138 -1.03 15.18 28.67
N GLY B 139 -1.25 16.44 29.03
CA GLY B 139 -2.58 17.03 28.97
C GLY B 139 -3.63 16.30 29.80
N GLY B 140 -3.28 15.91 31.02
CA GLY B 140 -4.22 15.22 31.88
C GLY B 140 -4.43 13.75 31.55
N THR B 141 -3.62 13.18 30.67
CA THR B 141 -3.70 11.76 30.33
C THR B 141 -2.39 11.09 30.73
N ALA B 142 -2.47 10.08 31.59
CA ALA B 142 -1.31 9.34 32.06
C ALA B 142 -1.27 7.98 31.39
N ALA B 143 -0.05 7.48 31.16
CA ALA B 143 0.18 6.17 30.57
C ALA B 143 0.87 5.29 31.59
N LEU B 144 0.35 4.07 31.76
CA LEU B 144 0.93 3.09 32.66
C LEU B 144 0.84 1.72 32.01
N GLY B 145 1.62 0.78 32.54
CA GLY B 145 1.64 -0.53 31.93
C GLY B 145 2.39 -1.53 32.78
N CYS B 146 2.59 -2.71 32.19
CA CYS B 146 3.27 -3.83 32.83
C CYS B 146 4.31 -4.40 31.87
N LEU B 147 5.46 -4.78 32.42
CA LEU B 147 6.52 -5.43 31.65
C LEU B 147 6.49 -6.92 31.96
N VAL B 148 6.15 -7.72 30.96
CA VAL B 148 6.08 -9.18 31.08
C VAL B 148 7.30 -9.75 30.37
N LYS B 149 8.27 -10.25 31.15
CA LYS B 149 9.62 -10.48 30.65
C LYS B 149 10.09 -11.89 30.93
N ASP B 150 10.86 -12.44 29.98
CA ASP B 150 11.63 -13.67 30.16
C ASP B 150 10.73 -14.87 30.43
N TYR B 151 9.86 -15.17 29.46
CA TYR B 151 9.00 -16.34 29.52
C TYR B 151 9.14 -17.14 28.24
N PHE B 152 8.66 -18.39 28.32
CA PHE B 152 8.69 -19.30 27.19
C PHE B 152 7.84 -20.52 27.49
N PRO B 153 7.03 -20.96 26.52
CA PRO B 153 6.85 -20.33 25.22
C PRO B 153 5.69 -19.36 25.19
N GLU B 154 5.41 -18.79 24.03
CA GLU B 154 4.17 -18.06 23.80
C GLU B 154 3.03 -19.06 23.93
N PRO B 155 1.81 -18.58 24.24
CA PRO B 155 1.41 -17.18 24.46
C PRO B 155 1.33 -16.80 25.92
N VAL B 156 1.03 -15.53 26.16
CA VAL B 156 0.68 -15.03 27.49
C VAL B 156 -0.47 -14.05 27.32
N THR B 157 -1.44 -14.13 28.22
CA THR B 157 -2.61 -13.25 28.17
C THR B 157 -2.47 -12.16 29.22
N VAL B 158 -2.92 -10.96 28.86
CA VAL B 158 -2.87 -9.81 29.75
C VAL B 158 -4.20 -9.08 29.67
N SER B 159 -4.91 -9.04 30.79
CA SER B 159 -6.08 -8.18 30.96
C SER B 159 -5.78 -7.13 32.02
N TRP B 160 -6.71 -6.19 32.18
CA TRP B 160 -6.55 -5.09 33.12
C TRP B 160 -7.79 -4.98 34.00
N ASN B 161 -7.57 -4.98 35.32
CA ASN B 161 -8.64 -4.94 36.32
C ASN B 161 -9.67 -6.04 36.05
N SER B 162 -9.16 -7.24 35.78
CA SER B 162 -10.00 -8.44 35.64
C SER B 162 -11.03 -8.29 34.53
N GLY B 163 -10.63 -7.64 33.43
CA GLY B 163 -11.50 -7.46 32.28
C GLY B 163 -12.31 -6.18 32.27
N ALA B 164 -12.41 -5.48 33.41
CA ALA B 164 -13.24 -4.28 33.47
C ALA B 164 -12.61 -3.10 32.73
N LEU B 165 -11.30 -3.15 32.47
CA LEU B 165 -10.59 -2.04 31.82
C LEU B 165 -10.07 -2.53 30.48
N THR B 166 -10.67 -2.04 29.39
CA THR B 166 -10.28 -2.45 28.05
C THR B 166 -10.01 -1.23 27.16
N SER B 167 -10.67 -0.12 27.46
CA SER B 167 -10.54 1.08 26.66
C SER B 167 -9.14 1.66 26.83
N GLY B 168 -8.40 1.79 25.73
CA GLY B 168 -7.06 2.34 25.76
C GLY B 168 -5.95 1.36 26.03
N VAL B 169 -6.22 0.06 25.96
CA VAL B 169 -5.25 -0.97 26.28
C VAL B 169 -4.49 -1.37 25.01
N HIS B 170 -3.17 -1.48 25.14
CA HIS B 170 -2.33 -1.95 24.04
C HIS B 170 -1.36 -2.98 24.59
N THR B 171 -1.59 -4.24 24.28
CA THR B 171 -0.67 -5.33 24.59
C THR B 171 0.14 -5.60 23.32
N PHE B 172 1.44 -5.33 23.39
CA PHE B 172 2.26 -5.40 22.19
C PHE B 172 2.60 -6.85 21.86
N PRO B 173 2.82 -7.14 20.58
CA PRO B 173 3.30 -8.48 20.20
C PRO B 173 4.61 -8.79 20.90
N ALA B 174 4.74 -10.04 21.33
CA ALA B 174 5.95 -10.48 22.01
C ALA B 174 7.14 -10.49 21.05
N VAL B 175 8.32 -10.25 21.59
CA VAL B 175 9.55 -10.29 20.82
C VAL B 175 10.48 -11.32 21.43
N LEU B 176 11.26 -11.96 20.58
CA LEU B 176 12.20 -13.00 20.99
C LEU B 176 13.55 -12.35 21.29
N GLN B 177 13.99 -12.46 22.55
CA GLN B 177 15.27 -11.91 22.95
C GLN B 177 16.40 -12.87 22.59
N SER B 178 17.63 -12.37 22.70
CA SER B 178 18.80 -13.20 22.39
C SER B 178 18.86 -14.43 23.28
N SER B 179 18.27 -14.36 24.47
CA SER B 179 18.25 -15.48 25.40
C SER B 179 17.35 -16.62 24.93
N GLY B 180 16.51 -16.40 23.92
CA GLY B 180 15.50 -17.35 23.54
C GLY B 180 14.22 -17.26 24.33
N LEU B 181 14.08 -16.26 25.20
CA LEU B 181 12.88 -16.04 25.97
C LEU B 181 12.13 -14.84 25.40
N TYR B 182 10.81 -14.87 25.51
CA TYR B 182 9.98 -13.80 24.98
C TYR B 182 9.80 -12.69 26.01
N SER B 183 9.41 -11.52 25.51
CA SER B 183 9.15 -10.36 26.36
C SER B 183 8.18 -9.44 25.65
N LEU B 184 7.27 -8.85 26.40
CA LEU B 184 6.32 -7.90 25.85
C LEU B 184 5.92 -6.91 26.93
N SER B 185 5.24 -5.85 26.50
CA SER B 185 4.63 -4.88 27.40
C SER B 185 3.16 -4.73 27.07
N SER B 186 2.37 -4.43 28.09
CA SER B 186 0.96 -4.10 27.93
C SER B 186 0.73 -2.76 28.62
N VAL B 187 0.25 -1.79 27.87
CA VAL B 187 0.10 -0.42 28.37
C VAL B 187 -1.36 -0.01 28.27
N VAL B 188 -1.69 1.06 28.99
CA VAL B 188 -3.03 1.63 28.97
C VAL B 188 -2.90 3.11 29.34
N THR B 189 -3.82 3.92 28.83
CA THR B 189 -3.87 5.35 29.13
C THR B 189 -5.14 5.64 29.93
N VAL B 190 -4.99 6.39 31.00
CA VAL B 190 -6.09 6.71 31.91
C VAL B 190 -6.05 8.20 32.22
N PRO B 191 -7.12 8.78 32.78
CA PRO B 191 -7.02 10.16 33.26
C PRO B 191 -6.08 10.25 34.46
N SER B 192 -5.31 11.35 34.50
CA SER B 192 -4.38 11.55 35.60
C SER B 192 -5.12 11.61 36.94
N SER B 193 -6.30 12.24 36.95
CA SER B 193 -7.05 12.42 38.20
C SER B 193 -7.51 11.11 38.80
N SER B 194 -7.59 10.03 38.00
CA SER B 194 -8.02 8.74 38.51
C SER B 194 -6.88 7.95 39.15
N LEU B 195 -5.64 8.40 39.01
CA LEU B 195 -4.51 7.68 39.59
C LEU B 195 -4.58 7.63 41.11
N GLY B 196 -5.34 8.53 41.73
CA GLY B 196 -5.47 8.53 43.17
C GLY B 196 -6.60 7.65 43.68
N THR B 197 -7.71 7.61 42.94
CA THR B 197 -8.90 6.89 43.40
C THR B 197 -9.03 5.49 42.84
N GLN B 198 -8.45 5.22 41.67
CA GLN B 198 -8.58 3.93 41.01
C GLN B 198 -7.30 3.11 41.18
N THR B 199 -7.47 1.80 41.38
CA THR B 199 -6.36 0.86 41.33
C THR B 199 -6.27 0.26 39.94
N TYR B 200 -5.05 0.04 39.47
CA TYR B 200 -4.80 -0.49 38.14
C TYR B 200 -3.94 -1.74 38.25
N ILE B 201 -4.53 -2.90 37.99
CA ILE B 201 -3.88 -4.19 38.11
C ILE B 201 -3.86 -4.84 36.73
N CYS B 202 -2.69 -5.30 36.30
CA CYS B 202 -2.58 -6.11 35.10
C CYS B 202 -2.62 -7.59 35.51
N ASN B 203 -3.53 -8.33 34.91
CA ASN B 203 -3.71 -9.76 35.21
C ASN B 203 -2.95 -10.54 34.14
N VAL B 204 -1.78 -11.05 34.52
CA VAL B 204 -0.92 -11.82 33.63
C VAL B 204 -1.14 -13.30 33.90
N ASN B 205 -1.29 -14.10 32.85
CA ASN B 205 -1.42 -15.54 32.98
C ASN B 205 -0.64 -16.20 31.85
N HIS B 206 0.41 -16.93 32.21
CA HIS B 206 1.21 -17.71 31.27
C HIS B 206 0.83 -19.17 31.51
N LYS B 207 -0.18 -19.63 30.77
CA LYS B 207 -0.71 -20.98 30.99
C LYS B 207 0.32 -22.09 30.79
N PRO B 208 1.26 -22.02 29.83
CA PRO B 208 2.23 -23.12 29.70
C PRO B 208 3.04 -23.39 30.97
N SER B 209 3.23 -22.39 31.83
CA SER B 209 3.96 -22.56 33.08
C SER B 209 3.06 -22.52 34.29
N ASN B 210 1.74 -22.36 34.09
CA ASN B 210 0.77 -22.21 35.18
C ASN B 210 1.19 -21.08 36.12
N THR B 211 1.72 -20.00 35.52
CA THR B 211 2.15 -18.83 36.26
C THR B 211 1.09 -17.74 36.11
N LYS B 212 0.52 -17.33 37.24
CA LYS B 212 -0.58 -16.38 37.27
C LYS B 212 -0.20 -15.26 38.23
N VAL B 213 -0.01 -14.05 37.69
CA VAL B 213 0.46 -12.92 38.48
C VAL B 213 -0.48 -11.73 38.28
N ASP B 214 -0.81 -11.06 39.38
CA ASP B 214 -1.50 -9.77 39.35
C ASP B 214 -0.55 -8.71 39.86
N LYS B 215 -0.28 -7.71 39.03
CA LYS B 215 0.67 -6.65 39.36
C LYS B 215 -0.08 -5.34 39.53
N ARG B 216 -0.01 -4.78 40.73
CA ARG B 216 -0.52 -3.43 40.99
C ARG B 216 0.49 -2.41 40.47
N VAL B 217 0.01 -1.44 39.70
CA VAL B 217 0.85 -0.41 39.10
C VAL B 217 0.48 0.92 39.72
N GLU B 218 1.41 1.49 40.48
CA GLU B 218 1.21 2.76 41.17
C GLU B 218 2.15 3.82 40.62
N PRO B 219 1.90 5.09 40.92
CA PRO B 219 2.91 6.12 40.70
C PRO B 219 4.04 5.96 41.71
N LYS B 220 5.28 6.10 41.23
CA LYS B 220 6.45 5.83 42.05
C LYS B 220 6.58 6.83 43.19
N ASP C 1 -25.56 1.80 -20.17
CA ASP C 1 -24.20 1.45 -20.58
C ASP C 1 -23.62 0.32 -19.73
N ILE C 2 -22.63 -0.37 -20.29
CA ILE C 2 -21.91 -1.39 -19.54
C ILE C 2 -20.92 -0.72 -18.61
N LEU C 3 -20.99 -1.05 -17.32
CA LEU C 3 -20.03 -0.55 -16.34
C LEU C 3 -18.97 -1.60 -16.11
N LEU C 4 -17.70 -1.19 -16.16
CA LEU C 4 -16.57 -2.08 -15.97
C LEU C 4 -15.92 -1.77 -14.63
N THR C 5 -15.90 -2.74 -13.73
CA THR C 5 -15.30 -2.59 -12.41
C THR C 5 -13.95 -3.27 -12.41
N GLN C 6 -12.89 -2.46 -12.34
CA GLN C 6 -11.53 -3.00 -12.25
C GLN C 6 -11.08 -3.02 -10.80
N SER C 7 -10.37 -4.08 -10.43
CA SER C 7 -9.86 -4.22 -9.07
C SER C 7 -8.54 -5.01 -9.10
N PRO C 8 -7.61 -4.68 -8.21
CA PRO C 8 -7.74 -3.60 -7.22
C PRO C 8 -7.42 -2.25 -7.83
N VAL C 9 -7.69 -1.17 -7.09
CA VAL C 9 -7.34 0.15 -7.58
C VAL C 9 -5.83 0.31 -7.66
N ILE C 10 -5.14 0.04 -6.55
CA ILE C 10 -3.69 0.02 -6.51
C ILE C 10 -3.25 -1.43 -6.34
N LEU C 11 -2.19 -1.81 -7.04
CA LEU C 11 -1.71 -3.20 -7.04
C LEU C 11 -0.20 -3.19 -6.78
N SER C 12 0.18 -3.38 -5.52
CA SER C 12 1.58 -3.44 -5.13
C SER C 12 2.07 -4.89 -5.20
N VAL C 13 3.14 -5.11 -5.96
CA VAL C 13 3.65 -6.45 -6.21
C VAL C 13 5.17 -6.41 -6.20
N SER C 14 5.79 -7.62 -6.02
CA SER C 14 7.24 -7.78 -6.01
C SER C 14 7.73 -8.23 -7.38
N PRO C 15 8.96 -7.88 -7.76
CA PRO C 15 9.46 -8.27 -9.08
C PRO C 15 9.54 -9.78 -9.23
N GLY C 16 9.23 -10.26 -10.44
CA GLY C 16 9.20 -11.67 -10.73
C GLY C 16 7.94 -12.40 -10.33
N GLU C 17 7.12 -11.80 -9.46
CA GLU C 17 5.88 -12.43 -9.04
C GLU C 17 4.87 -12.49 -10.19
N ARG C 18 3.82 -13.27 -9.95
CA ARG C 18 2.68 -13.35 -10.87
C ARG C 18 1.68 -12.24 -10.52
N VAL C 19 1.11 -11.62 -11.56
CA VAL C 19 0.24 -10.47 -11.39
C VAL C 19 -1.07 -10.72 -12.12
N SER C 20 -2.19 -10.39 -11.46
CA SER C 20 -3.53 -10.61 -12.03
C SER C 20 -4.37 -9.38 -11.82
N PHE C 21 -4.82 -8.77 -12.92
CA PHE C 21 -5.76 -7.66 -12.88
C PHE C 21 -7.18 -8.18 -13.09
N SER C 22 -8.12 -7.67 -12.30
CA SER C 22 -9.51 -8.06 -12.40
C SER C 22 -10.31 -6.97 -13.12
N CYS C 23 -11.19 -7.40 -14.02
CA CYS C 23 -12.11 -6.51 -14.72
C CYS C 23 -13.45 -7.24 -14.83
N ARG C 24 -14.46 -6.75 -14.12
CA ARG C 24 -15.78 -7.35 -14.12
C ARG C 24 -16.79 -6.41 -14.76
N ALA C 25 -17.65 -6.96 -15.61
CA ALA C 25 -18.64 -6.19 -16.34
C ALA C 25 -20.00 -6.26 -15.64
N SER C 26 -20.80 -5.22 -15.83
CA SER C 26 -22.11 -5.15 -15.19
C SER C 26 -23.08 -6.18 -15.75
N GLN C 27 -22.86 -6.66 -16.97
CA GLN C 27 -23.61 -7.78 -17.53
C GLN C 27 -22.68 -8.57 -18.43
N SER C 28 -23.20 -9.65 -19.01
CA SER C 28 -22.37 -10.53 -19.83
C SER C 28 -22.00 -9.86 -21.14
N ILE C 29 -20.75 -10.04 -21.56
CA ILE C 29 -20.23 -9.43 -22.78
C ILE C 29 -19.43 -10.46 -23.57
N GLY C 30 -19.65 -11.73 -23.28
CA GLY C 30 -18.95 -12.78 -24.01
C GLY C 30 -17.46 -12.71 -23.77
N THR C 31 -16.70 -12.49 -24.85
CA THR C 31 -15.26 -12.30 -24.79
C THR C 31 -14.83 -10.98 -25.41
N ASN C 32 -15.75 -10.00 -25.49
CA ASN C 32 -15.48 -8.74 -26.18
C ASN C 32 -14.90 -7.74 -25.18
N ILE C 33 -13.66 -8.02 -24.76
CA ILE C 33 -12.93 -7.15 -23.84
C ILE C 33 -11.51 -6.97 -24.37
N HIS C 34 -10.98 -5.76 -24.23
CA HIS C 34 -9.63 -5.44 -24.66
C HIS C 34 -8.87 -4.79 -23.50
N TRP C 35 -7.57 -5.04 -23.45
CA TRP C 35 -6.73 -4.56 -22.37
C TRP C 35 -5.67 -3.61 -22.90
N TYR C 36 -5.33 -2.61 -22.08
CA TYR C 36 -4.42 -1.56 -22.47
C TYR C 36 -3.42 -1.28 -21.36
N GLN C 37 -2.26 -0.76 -21.75
CA GLN C 37 -1.24 -0.30 -20.84
C GLN C 37 -0.89 1.14 -21.16
N GLN C 38 -0.79 1.97 -20.12
CA GLN C 38 -0.43 3.37 -20.28
C GLN C 38 0.73 3.69 -19.35
N ARG C 39 1.91 3.91 -19.92
CA ARG C 39 3.08 4.35 -19.19
C ARG C 39 3.08 5.86 -19.03
N THR C 40 4.03 6.37 -18.25
CA THR C 40 4.08 7.79 -17.95
C THR C 40 4.30 8.62 -19.22
N ASN C 41 3.50 9.68 -19.38
CA ASN C 41 3.54 10.60 -20.51
C ASN C 41 3.21 9.92 -21.84
N GLY C 42 2.71 8.69 -21.82
CA GLY C 42 2.45 7.98 -23.06
C GLY C 42 0.99 7.74 -23.37
N SER C 43 0.70 7.42 -24.64
CA SER C 43 -0.65 7.04 -25.04
C SER C 43 -0.85 5.55 -24.72
N PRO C 44 -2.11 5.13 -24.49
CA PRO C 44 -2.35 3.73 -24.11
C PRO C 44 -1.91 2.77 -25.21
N ARG C 45 -1.19 1.72 -24.80
CA ARG C 45 -0.75 0.67 -25.69
C ARG C 45 -1.66 -0.55 -25.54
N LEU C 46 -2.05 -1.15 -26.66
CA LEU C 46 -2.92 -2.31 -26.66
C LEU C 46 -2.11 -3.56 -26.33
N LEU C 47 -2.60 -4.35 -25.38
CA LEU C 47 -1.93 -5.57 -24.93
C LEU C 47 -2.64 -6.83 -25.39
N ILE C 48 -3.94 -6.95 -25.13
CA ILE C 48 -4.71 -8.15 -25.40
C ILE C 48 -6.02 -7.75 -26.06
N LYS C 49 -6.39 -8.44 -27.13
CA LYS C 49 -7.66 -8.22 -27.81
C LYS C 49 -8.56 -9.44 -27.66
N TYR C 50 -9.85 -9.19 -27.51
CA TYR C 50 -10.87 -10.24 -27.35
C TYR C 50 -10.47 -11.25 -26.27
N ALA C 51 -10.33 -10.72 -25.05
CA ALA C 51 -10.15 -11.50 -23.82
C ALA C 51 -8.79 -12.19 -23.71
N SER C 52 -8.32 -12.85 -24.77
CA SER C 52 -7.11 -13.66 -24.65
C SER C 52 -6.16 -13.58 -25.82
N GLU C 53 -6.54 -12.98 -26.94
CA GLU C 53 -5.72 -13.05 -28.15
C GLU C 53 -4.56 -12.05 -28.08
N SER C 54 -3.40 -12.49 -28.56
CA SER C 54 -2.17 -11.73 -28.39
C SER C 54 -1.98 -10.72 -29.52
N ILE C 55 -1.31 -9.62 -29.20
CA ILE C 55 -1.03 -8.54 -30.13
C ILE C 55 0.43 -8.62 -30.56
N SER C 56 0.68 -8.33 -31.84
CA SER C 56 2.05 -8.36 -32.35
C SER C 56 2.89 -7.28 -31.69
N GLY C 57 4.06 -7.68 -31.18
CA GLY C 57 5.00 -6.77 -30.58
C GLY C 57 4.94 -6.70 -29.07
N ILE C 58 3.93 -7.29 -28.44
CA ILE C 58 3.78 -7.29 -26.99
C ILE C 58 4.57 -8.45 -26.42
N PRO C 59 5.33 -8.26 -25.34
CA PRO C 59 6.05 -9.40 -24.74
C PRO C 59 5.10 -10.52 -24.35
N SER C 60 5.56 -11.75 -24.56
CA SER C 60 4.72 -12.93 -24.35
C SER C 60 4.31 -13.14 -22.90
N ARG C 61 4.92 -12.43 -21.96
CA ARG C 61 4.55 -12.56 -20.55
C ARG C 61 3.19 -11.96 -20.24
N PHE C 62 2.61 -11.18 -21.16
CA PHE C 62 1.24 -10.71 -21.03
C PHE C 62 0.30 -11.76 -21.59
N SER C 63 -0.77 -12.06 -20.84
CA SER C 63 -1.81 -12.96 -21.32
C SER C 63 -3.12 -12.58 -20.67
N GLY C 64 -4.21 -13.05 -21.29
CA GLY C 64 -5.54 -12.77 -20.78
C GLY C 64 -6.40 -14.03 -20.78
N SER C 65 -7.42 -14.00 -19.92
CA SER C 65 -8.37 -15.10 -19.81
C SER C 65 -9.70 -14.55 -19.34
N GLY C 66 -10.76 -15.32 -19.60
CA GLY C 66 -12.08 -14.95 -19.12
C GLY C 66 -13.15 -14.97 -20.19
N SER C 67 -14.41 -15.03 -19.75
CA SER C 67 -15.56 -15.01 -20.64
C SER C 67 -16.81 -14.78 -19.79
N GLY C 68 -17.73 -13.99 -20.33
CA GLY C 68 -18.95 -13.67 -19.60
C GLY C 68 -18.88 -12.33 -18.90
N THR C 69 -18.45 -12.33 -17.64
CA THR C 69 -18.34 -11.10 -16.86
C THR C 69 -16.98 -10.92 -16.19
N ASP C 70 -16.35 -12.00 -15.73
CA ASP C 70 -15.09 -11.89 -15.01
C ASP C 70 -13.94 -12.12 -15.99
N PHE C 71 -13.07 -11.12 -16.11
CA PHE C 71 -11.92 -11.18 -17.00
C PHE C 71 -10.64 -10.88 -16.22
N THR C 72 -9.52 -11.29 -16.80
CA THR C 72 -8.25 -11.26 -16.09
C THR C 72 -7.12 -10.95 -17.06
N LEU C 73 -6.28 -9.99 -16.70
CA LEU C 73 -5.02 -9.73 -17.38
C LEU C 73 -3.88 -10.25 -16.51
N SER C 74 -2.99 -11.03 -17.11
CA SER C 74 -1.94 -11.70 -16.35
C SER C 74 -0.57 -11.34 -16.89
N ILE C 75 0.34 -11.01 -15.98
CA ILE C 75 1.77 -10.89 -16.27
C ILE C 75 2.45 -11.95 -15.41
N ASN C 76 3.01 -12.98 -16.06
CA ASN C 76 3.51 -14.13 -15.31
C ASN C 76 4.69 -13.76 -14.42
N SER C 77 5.62 -12.97 -14.94
CA SER C 77 6.80 -12.54 -14.18
C SER C 77 6.96 -11.04 -14.41
N VAL C 78 6.45 -10.24 -13.47
CA VAL C 78 6.41 -8.80 -13.65
C VAL C 78 7.82 -8.22 -13.59
N GLU C 79 8.08 -7.19 -14.38
CA GLU C 79 9.34 -6.50 -14.40
C GLU C 79 9.13 -5.03 -14.05
N SER C 80 10.23 -4.36 -13.70
CA SER C 80 10.17 -2.95 -13.38
C SER C 80 9.71 -2.12 -14.58
N GLU C 81 10.02 -2.56 -15.79
CA GLU C 81 9.57 -1.82 -16.96
C GLU C 81 8.05 -1.87 -17.14
N ASP C 82 7.36 -2.73 -16.40
CA ASP C 82 5.90 -2.84 -16.49
C ASP C 82 5.16 -1.84 -15.62
N ILE C 83 5.86 -0.93 -14.93
CA ILE C 83 5.17 0.03 -14.08
C ILE C 83 4.34 0.95 -14.95
N ALA C 84 3.02 0.88 -14.81
CA ALA C 84 2.09 1.67 -15.62
C ALA C 84 0.70 1.51 -15.02
N ASP C 85 -0.30 2.04 -15.73
CA ASP C 85 -1.70 1.80 -15.44
C ASP C 85 -2.28 0.89 -16.51
N TYR C 86 -3.23 0.05 -16.11
CA TYR C 86 -3.79 -0.96 -16.99
C TYR C 86 -5.31 -0.84 -17.03
N TYR C 87 -5.87 -0.73 -18.23
CA TYR C 87 -7.30 -0.51 -18.43
C TYR C 87 -7.89 -1.64 -19.25
N CYS C 88 -9.16 -1.95 -18.96
CA CYS C 88 -9.95 -2.84 -19.80
C CYS C 88 -11.03 -2.05 -20.53
N GLN C 89 -11.47 -2.60 -21.66
CA GLN C 89 -12.46 -1.95 -22.52
C GLN C 89 -13.40 -3.03 -23.06
N GLN C 90 -14.69 -2.76 -23.04
CA GLN C 90 -15.68 -3.66 -23.60
C GLN C 90 -16.24 -3.07 -24.89
N ASN C 91 -16.55 -3.94 -25.86
CA ASN C 91 -17.21 -3.50 -27.08
C ASN C 91 -18.19 -4.57 -27.55
N ASN C 92 -18.94 -5.15 -26.62
CA ASN C 92 -20.08 -5.98 -26.96
C ASN C 92 -21.37 -5.19 -27.05
N ASN C 93 -21.43 -4.04 -26.37
CA ASN C 93 -22.59 -3.16 -26.40
C ASN C 93 -22.13 -1.75 -26.75
N TRP C 94 -22.85 -1.10 -27.66
CA TRP C 94 -22.57 0.28 -28.02
C TRP C 94 -23.12 1.21 -26.94
N PRO C 95 -22.33 2.22 -26.52
CA PRO C 95 -20.98 2.50 -27.02
C PRO C 95 -19.91 1.74 -26.24
N THR C 96 -18.71 1.66 -26.81
CA THR C 96 -17.59 1.02 -26.12
C THR C 96 -17.22 1.85 -24.90
N THR C 97 -16.92 1.17 -23.80
CA THR C 97 -16.60 1.84 -22.55
C THR C 97 -15.33 1.26 -21.94
N PHE C 98 -14.71 2.04 -21.06
CA PHE C 98 -13.47 1.67 -20.41
C PHE C 98 -13.66 1.58 -18.90
N GLY C 99 -12.81 0.80 -18.24
CA GLY C 99 -12.80 0.77 -16.80
C GLY C 99 -12.00 1.92 -16.21
N ALA C 100 -12.08 2.04 -14.88
CA ALA C 100 -11.36 3.11 -14.20
C ALA C 100 -9.86 2.85 -14.13
N GLY C 101 -9.43 1.62 -14.30
CA GLY C 101 -8.03 1.28 -14.37
C GLY C 101 -7.46 0.81 -13.04
N THR C 102 -6.25 0.27 -13.12
CA THR C 102 -5.52 -0.23 -11.96
C THR C 102 -4.08 0.23 -12.06
N LYS C 103 -3.57 0.88 -11.02
CA LYS C 103 -2.19 1.33 -11.00
C LYS C 103 -1.30 0.20 -10.48
N LEU C 104 -0.22 -0.07 -11.20
CA LEU C 104 0.73 -1.12 -10.85
C LEU C 104 1.95 -0.49 -10.20
N GLU C 105 2.22 -0.87 -8.95
CA GLU C 105 3.39 -0.41 -8.21
C GLU C 105 4.28 -1.60 -7.89
N LEU C 106 5.58 -1.43 -8.06
CA LEU C 106 6.55 -2.48 -7.78
C LEU C 106 7.31 -2.15 -6.51
N LYS C 107 7.46 -3.15 -5.65
CA LYS C 107 8.22 -3.00 -4.42
C LYS C 107 9.70 -3.26 -4.68
N ARG C 108 10.53 -2.72 -3.80
CA ARG C 108 11.97 -2.94 -3.86
C ARG C 108 12.54 -2.66 -2.47
N THR C 109 13.85 -2.90 -2.33
CA THR C 109 14.50 -2.66 -1.06
C THR C 109 14.53 -1.17 -0.75
N VAL C 110 14.70 -0.85 0.52
CA VAL C 110 14.74 0.54 0.96
C VAL C 110 16.01 1.20 0.42
N ALA C 111 15.85 2.39 -0.16
CA ALA C 111 16.95 3.14 -0.73
C ALA C 111 16.91 4.56 -0.20
N ALA C 112 18.01 5.01 0.39
CA ALA C 112 18.09 6.36 0.93
C ALA C 112 18.20 7.38 -0.19
N PRO C 113 17.58 8.55 -0.04
CA PRO C 113 17.70 9.59 -1.06
C PRO C 113 19.03 10.31 -1.00
N SER C 114 19.45 10.81 -2.16
CA SER C 114 20.58 11.72 -2.27
C SER C 114 20.05 13.14 -2.40
N VAL C 115 20.57 14.06 -1.59
CA VAL C 115 20.00 15.39 -1.44
C VAL C 115 20.93 16.41 -2.07
N PHE C 116 20.34 17.37 -2.78
CA PHE C 116 21.06 18.48 -3.38
C PHE C 116 20.25 19.75 -3.19
N ILE C 117 20.93 20.85 -2.89
CA ILE C 117 20.28 22.14 -2.73
C ILE C 117 20.78 23.08 -3.82
N PHE C 118 19.89 23.97 -4.27
CA PHE C 118 20.18 24.87 -5.38
C PHE C 118 19.79 26.30 -4.99
N PRO C 119 20.72 27.24 -4.97
CA PRO C 119 20.36 28.63 -4.69
C PRO C 119 19.59 29.22 -5.84
N PRO C 120 18.86 30.31 -5.62
CA PRO C 120 18.25 31.02 -6.74
C PRO C 120 19.31 31.73 -7.57
N SER C 121 19.00 31.90 -8.86
CA SER C 121 19.93 32.51 -9.79
C SER C 121 19.79 34.03 -9.78
N ASP C 122 20.89 34.70 -10.19
CA ASP C 122 20.86 36.15 -10.31
C ASP C 122 19.83 36.60 -11.35
N GLU C 123 19.58 35.78 -12.37
CA GLU C 123 18.64 36.15 -13.41
C GLU C 123 17.21 36.19 -12.87
N GLN C 124 16.87 35.28 -11.95
CA GLN C 124 15.52 35.28 -11.40
C GLN C 124 15.35 36.41 -10.38
N LEU C 125 16.39 36.72 -9.61
CA LEU C 125 16.30 37.76 -8.60
C LEU C 125 15.91 39.11 -9.18
N LYS C 126 16.21 39.34 -10.46
CA LYS C 126 15.78 40.58 -11.12
C LYS C 126 14.26 40.67 -11.22
N SER C 127 13.55 39.57 -11.04
CA SER C 127 12.09 39.57 -11.12
C SER C 127 11.42 39.80 -9.78
N GLY C 128 12.20 39.95 -8.70
CA GLY C 128 11.66 40.16 -7.38
C GLY C 128 11.26 38.90 -6.64
N THR C 129 11.64 37.72 -7.16
CA THR C 129 11.26 36.45 -6.56
C THR C 129 12.47 35.52 -6.55
N ALA C 130 12.63 34.78 -5.47
CA ALA C 130 13.71 33.82 -5.31
C ALA C 130 13.12 32.43 -5.14
N SER C 131 13.59 31.48 -5.93
CA SER C 131 13.18 30.08 -5.86
C SER C 131 14.36 29.25 -5.36
N VAL C 132 14.21 28.66 -4.19
CA VAL C 132 15.22 27.76 -3.63
C VAL C 132 14.70 26.34 -3.77
N VAL C 133 15.52 25.45 -4.32
CA VAL C 133 15.09 24.13 -4.72
C VAL C 133 15.94 23.07 -4.02
N CYS C 134 15.27 22.07 -3.46
CA CYS C 134 15.91 20.93 -2.82
C CYS C 134 15.52 19.66 -3.59
N LEU C 135 16.51 18.87 -3.95
CA LEU C 135 16.31 17.67 -4.76
C LEU C 135 16.55 16.42 -3.92
N LEU C 136 15.62 15.47 -4.00
CA LEU C 136 15.74 14.17 -3.34
C LEU C 136 15.69 13.11 -4.44
N ASN C 137 16.83 12.47 -4.70
CA ASN C 137 17.02 11.67 -5.90
C ASN C 137 17.04 10.18 -5.59
N ASN C 138 16.19 9.43 -6.31
CA ASN C 138 16.24 7.97 -6.37
C ASN C 138 16.18 7.33 -4.98
N PHE C 139 14.97 7.36 -4.41
CA PHE C 139 14.74 6.81 -3.08
C PHE C 139 13.51 5.91 -3.07
N TYR C 140 13.41 5.10 -2.04
CA TYR C 140 12.27 4.22 -1.84
C TYR C 140 12.20 3.82 -0.37
N PRO C 141 10.99 3.81 0.21
CA PRO C 141 9.68 4.07 -0.41
C PRO C 141 9.39 5.54 -0.72
N ARG C 142 8.14 5.81 -1.08
CA ARG C 142 7.76 7.09 -1.67
C ARG C 142 7.74 8.24 -0.66
N GLU C 143 7.43 7.96 0.60
CA GLU C 143 7.20 9.03 1.57
C GLU C 143 8.52 9.59 2.10
N ALA C 144 8.62 10.92 2.10
CA ALA C 144 9.77 11.62 2.63
C ALA C 144 9.32 13.00 3.10
N LYS C 145 10.02 13.53 4.11
CA LYS C 145 9.68 14.83 4.69
C LYS C 145 10.82 15.80 4.42
N VAL C 146 10.51 16.88 3.70
CA VAL C 146 11.44 17.97 3.46
C VAL C 146 11.03 19.15 4.32
N GLN C 147 11.97 19.69 5.09
CA GLN C 147 11.73 20.86 5.92
C GLN C 147 12.74 21.95 5.58
N TRP C 148 12.23 23.16 5.36
CA TRP C 148 13.06 24.31 5.03
C TRP C 148 13.31 25.14 6.29
N LYS C 149 14.57 25.49 6.52
CA LYS C 149 14.94 26.38 7.61
C LYS C 149 15.75 27.53 7.03
N VAL C 150 15.31 28.75 7.28
CA VAL C 150 15.97 29.96 6.81
C VAL C 150 16.44 30.73 8.04
N ASP C 151 17.76 30.82 8.22
CA ASP C 151 18.34 31.33 9.46
C ASP C 151 17.73 30.63 10.66
N ASN C 152 17.58 29.31 10.54
CA ASN C 152 17.06 28.42 11.58
C ASN C 152 15.60 28.67 11.92
N ALA C 153 14.85 29.31 11.03
CA ALA C 153 13.41 29.46 11.19
C ALA C 153 12.71 28.47 10.26
N LEU C 154 11.89 27.59 10.85
CA LEU C 154 11.15 26.61 10.05
C LEU C 154 10.15 27.31 9.16
N GLN C 155 10.21 27.01 7.85
CA GLN C 155 9.30 27.60 6.89
C GLN C 155 8.02 26.78 6.79
N SER C 156 6.89 27.47 6.67
CA SER C 156 5.60 26.81 6.53
C SER C 156 4.73 27.64 5.59
N GLY C 157 4.16 26.99 4.59
CA GLY C 157 3.22 27.62 3.69
C GLY C 157 3.81 28.23 2.44
N ASN C 158 5.12 28.18 2.26
CA ASN C 158 5.78 28.77 1.10
C ASN C 158 6.65 27.75 0.38
N SER C 159 6.19 26.51 0.29
CA SER C 159 6.92 25.47 -0.41
C SER C 159 5.95 24.51 -1.08
N GLN C 160 6.40 23.92 -2.19
CA GLN C 160 5.61 22.94 -2.93
C GLN C 160 6.50 21.78 -3.33
N GLU C 161 5.95 20.57 -3.24
CA GLU C 161 6.66 19.37 -3.62
C GLU C 161 6.12 18.81 -4.93
N SER C 162 6.96 18.01 -5.58
CA SER C 162 6.58 17.30 -6.79
C SER C 162 7.35 15.99 -6.82
N VAL C 163 6.65 14.91 -7.13
CA VAL C 163 7.23 13.57 -7.07
C VAL C 163 7.07 12.89 -8.43
N THR C 164 8.17 12.40 -8.97
CA THR C 164 8.10 11.62 -10.19
C THR C 164 7.35 10.32 -9.96
N GLU C 165 6.83 9.76 -11.05
CA GLU C 165 6.33 8.40 -10.97
C GLU C 165 7.49 7.42 -10.81
N GLN C 166 7.16 6.17 -10.52
CA GLN C 166 8.18 5.18 -10.23
C GLN C 166 9.05 4.93 -11.47
N ASP C 167 10.36 4.90 -11.27
CA ASP C 167 11.28 4.75 -12.38
C ASP C 167 11.21 3.34 -12.95
N SER C 168 11.17 3.23 -14.27
CA SER C 168 10.96 1.95 -14.91
C SER C 168 12.19 1.05 -14.89
N LYS C 169 13.32 1.52 -14.35
CA LYS C 169 14.55 0.73 -14.32
C LYS C 169 14.95 0.32 -12.91
N ASP C 170 14.92 1.22 -11.94
CA ASP C 170 15.28 0.89 -10.57
C ASP C 170 14.14 1.03 -9.57
N SER C 171 12.94 1.40 -10.01
CA SER C 171 11.73 1.43 -9.20
C SER C 171 11.79 2.46 -8.08
N THR C 172 12.61 3.50 -8.24
CA THR C 172 12.74 4.54 -7.23
C THR C 172 11.86 5.74 -7.56
N TYR C 173 11.73 6.63 -6.58
CA TYR C 173 11.06 7.91 -6.74
C TYR C 173 12.07 9.03 -6.59
N SER C 174 11.70 10.21 -7.10
CA SER C 174 12.49 11.41 -6.89
C SER C 174 11.54 12.56 -6.55
N LEU C 175 12.03 13.45 -5.69
CA LEU C 175 11.23 14.55 -5.19
C LEU C 175 12.00 15.86 -5.36
N SER C 176 11.26 16.93 -5.66
CA SER C 176 11.81 18.27 -5.70
C SER C 176 10.90 19.19 -4.89
N SER C 177 11.47 19.88 -3.91
CA SER C 177 10.77 20.87 -3.12
C SER C 177 11.26 22.25 -3.53
N THR C 178 10.33 23.16 -3.79
CA THR C 178 10.66 24.52 -4.20
C THR C 178 10.18 25.49 -3.13
N LEU C 179 11.12 26.20 -2.51
CA LEU C 179 10.80 27.26 -1.56
C LEU C 179 10.75 28.59 -2.29
N THR C 180 9.65 29.31 -2.16
CA THR C 180 9.46 30.58 -2.85
C THR C 180 9.47 31.72 -1.84
N LEU C 181 10.40 32.65 -2.02
CA LEU C 181 10.54 33.82 -1.17
C LEU C 181 10.58 35.06 -2.05
N SER C 182 10.12 36.18 -1.49
CA SER C 182 10.34 37.46 -2.16
C SER C 182 11.82 37.76 -2.20
N LYS C 183 12.23 38.58 -3.17
CA LYS C 183 13.63 38.99 -3.23
C LYS C 183 14.04 39.70 -1.95
N ALA C 184 13.14 40.51 -1.39
CA ALA C 184 13.44 41.21 -0.14
C ALA C 184 13.71 40.23 1.00
N ASP C 185 12.80 39.27 1.22
CA ASP C 185 13.00 38.31 2.29
C ASP C 185 14.31 37.55 2.10
N TYR C 186 14.58 37.11 0.87
CA TYR C 186 15.78 36.33 0.60
C TYR C 186 17.05 37.12 0.90
N GLU C 187 17.04 38.43 0.66
CA GLU C 187 18.24 39.23 0.88
C GLU C 187 18.48 39.55 2.35
N LYS C 188 17.47 39.36 3.20
CA LYS C 188 17.60 39.68 4.62
C LYS C 188 18.14 38.51 5.44
N HIS C 189 18.37 37.35 4.82
CA HIS C 189 18.78 36.17 5.56
C HIS C 189 19.97 35.51 4.86
N LYS C 190 20.63 34.61 5.59
CA LYS C 190 21.93 34.08 5.18
C LYS C 190 21.91 32.57 4.98
N VAL C 191 21.54 31.80 6.00
CA VAL C 191 21.65 30.34 5.96
C VAL C 191 20.36 29.76 5.41
N TYR C 192 20.48 28.91 4.40
CA TYR C 192 19.34 28.23 3.79
C TYR C 192 19.61 26.74 3.80
N ALA C 193 18.64 25.96 4.27
CA ALA C 193 18.83 24.53 4.41
C ALA C 193 17.52 23.81 4.15
N CYS C 194 17.62 22.59 3.63
CA CYS C 194 16.52 21.66 3.60
C CYS C 194 16.94 20.41 4.35
N GLU C 195 16.16 20.04 5.36
CA GLU C 195 16.39 18.85 6.15
C GLU C 195 15.51 17.73 5.61
N VAL C 196 16.11 16.59 5.32
CA VAL C 196 15.41 15.48 4.68
C VAL C 196 15.27 14.34 5.68
N THR C 197 14.05 13.82 5.78
CA THR C 197 13.73 12.69 6.64
C THR C 197 13.09 11.59 5.77
N HIS C 198 13.65 10.39 5.84
CA HIS C 198 13.17 9.29 5.03
C HIS C 198 13.47 7.98 5.76
N GLN C 199 12.64 6.96 5.47
CA GLN C 199 12.77 5.68 6.16
C GLN C 199 14.18 5.10 6.05
N GLY C 200 14.84 5.31 4.91
CA GLY C 200 16.18 4.83 4.70
C GLY C 200 17.28 5.64 5.33
N LEU C 201 16.96 6.65 6.11
CA LEU C 201 17.96 7.48 6.78
C LEU C 201 17.94 7.21 8.27
N SER C 202 19.12 6.98 8.85
CA SER C 202 19.23 6.78 10.29
C SER C 202 19.02 8.08 11.04
N SER C 203 19.56 9.18 10.54
CA SER C 203 19.35 10.51 11.06
C SER C 203 19.16 11.44 9.87
N PRO C 204 18.53 12.62 10.08
CA PRO C 204 18.23 13.48 8.93
C PRO C 204 19.48 13.98 8.23
N VAL C 205 19.35 14.22 6.93
CA VAL C 205 20.41 14.80 6.12
C VAL C 205 20.06 16.26 5.84
N THR C 206 21.06 17.13 5.97
CA THR C 206 20.87 18.56 5.77
C THR C 206 21.88 19.06 4.73
N LYS C 207 21.38 19.79 3.74
CA LYS C 207 22.20 20.44 2.74
C LYS C 207 21.95 21.94 2.81
N SER C 208 23.02 22.72 2.86
CA SER C 208 22.90 24.15 3.11
C SER C 208 23.79 24.93 2.15
N PHE C 209 23.46 26.22 2.02
CA PHE C 209 24.34 27.20 1.43
C PHE C 209 24.15 28.51 2.17
N ASN C 210 25.16 29.38 2.07
CA ASN C 210 25.09 30.73 2.61
C ASN C 210 24.95 31.70 1.44
N ARG C 211 23.90 32.51 1.47
CA ARG C 211 23.69 33.51 0.43
C ARG C 211 24.88 34.46 0.37
N GLY C 212 25.50 34.55 -0.80
CA GLY C 212 26.66 35.41 -0.98
C GLY C 212 27.97 34.64 -0.92
N ALA C 213 28.12 33.79 0.10
CA ALA C 213 29.31 32.98 0.25
C ALA C 213 29.44 31.98 -0.89
N GLN D 1 5.22 2.25 -41.74
CA GLN D 1 4.93 2.45 -40.34
C GLN D 1 3.63 3.24 -40.15
N VAL D 2 2.65 2.64 -39.49
CA VAL D 2 1.37 3.29 -39.22
C VAL D 2 1.55 4.27 -38.07
N GLN D 3 1.19 5.53 -38.31
CA GLN D 3 1.35 6.58 -37.32
C GLN D 3 0.19 7.56 -37.41
N LEU D 4 -0.15 8.14 -36.26
CA LEU D 4 -1.14 9.20 -36.17
C LEU D 4 -0.51 10.36 -35.40
N LYS D 5 -0.54 11.55 -36.00
CA LYS D 5 0.07 12.74 -35.42
C LYS D 5 -0.98 13.82 -35.30
N GLN D 6 -1.15 14.35 -34.08
CA GLN D 6 -2.19 15.32 -33.79
C GLN D 6 -1.60 16.73 -33.70
N SER D 7 -2.45 17.73 -33.98
CA SER D 7 -2.04 19.12 -33.81
C SER D 7 -1.75 19.40 -32.33
N GLY D 8 -0.93 20.42 -32.10
CA GLY D 8 -0.38 20.67 -30.79
C GLY D 8 -1.37 21.05 -29.73
N PRO D 9 -0.92 21.09 -28.48
CA PRO D 9 -1.82 21.48 -27.38
C PRO D 9 -2.07 22.98 -27.37
N GLY D 10 -3.06 23.38 -26.59
CA GLY D 10 -3.41 24.78 -26.53
C GLY D 10 -4.51 25.05 -25.54
N LEU D 11 -4.81 26.32 -25.39
CA LEU D 11 -5.81 26.83 -24.45
C LEU D 11 -7.09 27.18 -25.20
N VAL D 12 -8.23 26.86 -24.59
CA VAL D 12 -9.53 27.15 -25.17
C VAL D 12 -10.38 27.89 -24.14
N GLN D 13 -10.97 29.01 -24.56
CA GLN D 13 -11.80 29.78 -23.65
C GLN D 13 -13.15 29.08 -23.46
N PRO D 14 -13.78 29.24 -22.29
CA PRO D 14 -15.10 28.64 -22.07
C PRO D 14 -16.10 29.12 -23.11
N SER D 15 -17.09 28.25 -23.39
CA SER D 15 -18.14 28.46 -24.37
C SER D 15 -17.61 28.44 -25.80
N GLN D 16 -16.30 28.54 -25.99
CA GLN D 16 -15.73 28.59 -27.33
C GLN D 16 -15.43 27.18 -27.84
N SER D 17 -14.91 27.11 -29.06
CA SER D 17 -14.77 25.85 -29.78
C SER D 17 -13.36 25.29 -29.69
N LEU D 18 -13.25 23.99 -29.99
CA LEU D 18 -11.98 23.27 -29.96
C LEU D 18 -11.81 22.51 -31.27
N SER D 19 -10.63 22.62 -31.87
CA SER D 19 -10.33 21.97 -33.14
C SER D 19 -8.99 21.24 -33.02
N ILE D 20 -8.97 19.97 -33.45
CA ILE D 20 -7.77 19.15 -33.45
C ILE D 20 -7.66 18.47 -34.81
N THR D 21 -6.45 18.44 -35.36
CA THR D 21 -6.19 17.80 -36.65
C THR D 21 -5.38 16.54 -36.45
N CYS D 22 -5.88 15.42 -36.98
CA CYS D 22 -5.18 14.13 -36.94
C CYS D 22 -4.69 13.80 -38.35
N THR D 23 -3.37 13.70 -38.51
CA THR D 23 -2.75 13.41 -39.80
C THR D 23 -2.18 12.00 -39.76
N VAL D 24 -2.69 11.13 -40.64
CA VAL D 24 -2.33 9.72 -40.61
C VAL D 24 -1.35 9.42 -41.73
N SER D 25 -0.57 8.36 -41.53
CA SER D 25 0.33 7.86 -42.56
C SER D 25 0.54 6.36 -42.34
N GLY D 26 0.90 5.68 -43.41
CA GLY D 26 1.01 4.24 -43.39
C GLY D 26 -0.26 3.49 -43.71
N PHE D 27 -1.37 4.20 -43.96
CA PHE D 27 -2.63 3.61 -44.36
C PHE D 27 -3.51 4.72 -44.90
N SER D 28 -4.44 4.34 -45.77
CA SER D 28 -5.34 5.32 -46.38
C SER D 28 -6.61 5.46 -45.55
N LEU D 29 -7.09 6.70 -45.42
CA LEU D 29 -8.35 6.94 -44.72
C LEU D 29 -9.52 6.27 -45.41
N THR D 30 -9.37 5.91 -46.68
CA THR D 30 -10.42 5.23 -47.42
C THR D 30 -10.61 3.78 -46.98
N ASN D 31 -9.68 3.21 -46.20
CA ASN D 31 -9.76 1.82 -45.81
C ASN D 31 -9.89 1.59 -44.31
N TYR D 32 -9.73 2.62 -43.49
CA TYR D 32 -9.86 2.47 -42.05
C TYR D 32 -10.58 3.69 -41.48
N GLY D 33 -11.45 3.44 -40.50
CA GLY D 33 -12.04 4.53 -39.75
C GLY D 33 -11.09 5.04 -38.69
N VAL D 34 -11.22 6.33 -38.38
CA VAL D 34 -10.44 6.97 -37.32
C VAL D 34 -11.39 7.35 -36.20
N HIS D 35 -11.03 6.94 -34.98
CA HIS D 35 -11.85 7.19 -33.81
C HIS D 35 -11.27 8.34 -33.00
N TRP D 36 -12.02 8.78 -31.99
CA TRP D 36 -11.58 9.84 -31.09
C TRP D 36 -11.94 9.48 -29.66
N VAL D 37 -10.93 9.41 -28.80
CA VAL D 37 -11.08 9.12 -27.38
C VAL D 37 -10.50 10.29 -26.61
N ARG D 38 -11.08 10.56 -25.44
CA ARG D 38 -10.51 11.56 -24.54
C ARG D 38 -10.33 10.96 -23.16
N GLN D 39 -9.42 11.56 -22.40
CA GLN D 39 -9.06 11.08 -21.07
C GLN D 39 -9.02 12.28 -20.14
N SER D 40 -10.02 12.40 -19.28
CA SER D 40 -10.18 13.52 -18.36
C SER D 40 -9.96 13.08 -16.92
N PRO D 41 -9.64 14.02 -16.02
CA PRO D 41 -9.50 13.63 -14.61
C PRO D 41 -10.79 13.13 -13.98
N GLY D 42 -11.94 13.55 -14.49
CA GLY D 42 -13.21 13.17 -13.90
C GLY D 42 -13.77 11.85 -14.38
N LYS D 43 -13.87 11.66 -15.69
CA LYS D 43 -14.49 10.49 -16.26
C LYS D 43 -13.52 9.49 -16.85
N GLY D 44 -12.21 9.70 -16.72
CA GLY D 44 -11.26 8.72 -17.24
C GLY D 44 -11.29 8.62 -18.76
N LEU D 45 -11.11 7.41 -19.26
CA LEU D 45 -11.13 7.16 -20.70
C LEU D 45 -12.56 7.14 -21.23
N GLU D 46 -12.76 7.83 -22.34
CA GLU D 46 -14.12 8.10 -22.83
C GLU D 46 -14.11 8.11 -24.35
N TRP D 47 -14.86 7.18 -24.96
CA TRP D 47 -14.99 7.12 -26.40
C TRP D 47 -15.93 8.22 -26.89
N LEU D 48 -15.45 9.05 -27.81
CA LEU D 48 -16.20 10.20 -28.29
C LEU D 48 -16.94 9.93 -29.60
N GLY D 49 -16.25 9.46 -30.62
CA GLY D 49 -16.90 9.26 -31.90
C GLY D 49 -15.98 8.57 -32.89
N VAL D 50 -16.45 8.50 -34.13
CA VAL D 50 -15.73 7.81 -35.19
C VAL D 50 -16.23 8.34 -36.53
N ILE D 51 -15.30 8.47 -37.48
CA ILE D 51 -15.63 8.68 -38.88
C ILE D 51 -15.12 7.46 -39.65
N TRP D 52 -15.99 6.86 -40.46
CA TRP D 52 -15.71 5.59 -41.09
C TRP D 52 -15.08 5.78 -42.47
N SER D 53 -14.79 4.66 -43.13
CA SER D 53 -14.12 4.70 -44.42
C SER D 53 -14.92 5.50 -45.44
N GLY D 54 -16.21 5.19 -45.57
CA GLY D 54 -17.09 5.87 -46.50
C GLY D 54 -17.51 7.27 -46.12
N GLY D 55 -17.06 7.78 -44.97
CA GLY D 55 -17.38 9.12 -44.55
C GLY D 55 -18.49 9.23 -43.51
N ASN D 56 -19.17 8.13 -43.19
CA ASN D 56 -20.19 8.16 -42.16
C ASN D 56 -19.57 8.50 -40.80
N THR D 57 -20.41 8.98 -39.88
CA THR D 57 -19.98 9.37 -38.55
C THR D 57 -20.90 8.78 -37.50
N ASP D 58 -20.31 8.31 -36.41
CA ASP D 58 -21.03 7.96 -35.20
C ASP D 58 -20.46 8.77 -34.04
N TYR D 59 -21.34 9.33 -33.22
CA TYR D 59 -20.94 10.09 -32.05
C TYR D 59 -21.55 9.45 -30.81
N ASN D 60 -20.77 9.43 -29.72
CA ASN D 60 -21.32 8.99 -28.45
C ASN D 60 -22.44 9.92 -28.02
N THR D 61 -23.50 9.35 -27.47
CA THR D 61 -24.75 10.07 -27.25
C THR D 61 -24.59 11.42 -26.53
N PRO D 62 -23.80 11.53 -25.43
CA PRO D 62 -23.72 12.84 -24.76
C PRO D 62 -22.92 13.88 -25.52
N PHE D 63 -22.55 13.61 -26.77
CA PHE D 63 -21.79 14.56 -27.57
C PHE D 63 -22.39 14.80 -28.95
N THR D 64 -23.54 14.20 -29.26
CA THR D 64 -24.08 14.28 -30.62
C THR D 64 -24.39 15.71 -31.01
N SER D 65 -24.84 16.53 -30.07
CA SER D 65 -25.30 17.89 -30.38
C SER D 65 -24.19 18.93 -30.33
N ARG D 66 -22.93 18.51 -30.20
CA ARG D 66 -21.84 19.49 -30.23
C ARG D 66 -20.55 18.92 -30.80
N LEU D 67 -20.57 17.75 -31.42
CA LEU D 67 -19.37 17.13 -31.98
C LEU D 67 -19.54 16.94 -33.48
N SER D 68 -18.48 17.25 -34.24
CA SER D 68 -18.48 17.07 -35.68
C SER D 68 -17.12 16.55 -36.12
N ILE D 69 -17.12 15.49 -36.91
CA ILE D 69 -15.90 14.88 -37.41
C ILE D 69 -15.98 14.84 -38.93
N ASN D 70 -14.99 15.43 -39.59
CA ASN D 70 -14.86 15.41 -41.04
C ASN D 70 -13.44 15.00 -41.38
N LYS D 71 -13.19 14.74 -42.67
CA LYS D 71 -11.87 14.33 -43.08
C LYS D 71 -11.61 14.80 -44.51
N ASP D 72 -10.37 14.58 -44.97
CA ASP D 72 -9.95 14.85 -46.34
C ASP D 72 -9.06 13.68 -46.74
N ASN D 73 -9.62 12.72 -47.48
CA ASN D 73 -8.90 11.49 -47.80
C ASN D 73 -7.61 11.76 -48.54
N SER D 74 -7.61 12.75 -49.43
CA SER D 74 -6.41 13.03 -50.22
C SER D 74 -5.28 13.56 -49.34
N LYS D 75 -5.61 14.39 -48.35
CA LYS D 75 -4.60 14.95 -47.45
C LYS D 75 -4.30 14.06 -46.25
N SER D 76 -5.04 12.96 -46.07
CA SER D 76 -4.85 12.04 -44.94
C SER D 76 -5.03 12.77 -43.61
N GLN D 77 -6.03 13.65 -43.56
CA GLN D 77 -6.28 14.50 -42.39
C GLN D 77 -7.70 14.29 -41.90
N VAL D 78 -7.84 14.01 -40.61
CA VAL D 78 -9.13 13.90 -39.94
C VAL D 78 -9.28 15.11 -39.04
N PHE D 79 -10.45 15.75 -39.11
CA PHE D 79 -10.69 17.00 -38.39
C PHE D 79 -11.72 16.76 -37.30
N PHE D 80 -11.35 17.10 -36.07
CA PHE D 80 -12.17 16.96 -34.88
C PHE D 80 -12.58 18.33 -34.39
N LYS D 81 -13.86 18.50 -34.07
CA LYS D 81 -14.35 19.79 -33.61
C LYS D 81 -15.48 19.59 -32.61
N MET D 82 -15.33 20.21 -31.44
CA MET D 82 -16.35 20.24 -30.42
C MET D 82 -16.54 21.69 -29.98
N ASN D 83 -17.80 22.10 -29.84
CA ASN D 83 -18.20 23.48 -29.53
CA ASN D 83 -18.05 23.49 -29.46
C ASN D 83 -18.71 23.57 -28.08
N SER D 84 -18.77 24.80 -27.59
CA SER D 84 -19.28 25.11 -26.25
C SER D 84 -18.60 24.24 -25.19
N LEU D 85 -17.27 24.30 -25.19
CA LEU D 85 -16.49 23.57 -24.21
C LEU D 85 -16.63 24.19 -22.83
N GLN D 86 -16.64 23.34 -21.80
CA GLN D 86 -16.68 23.77 -20.40
C GLN D 86 -15.44 23.30 -19.66
N SER D 87 -15.34 23.74 -18.41
CA SER D 87 -14.09 23.58 -17.66
C SER D 87 -13.74 22.12 -17.50
N ASN D 88 -14.73 21.26 -17.29
CA ASN D 88 -14.47 19.85 -17.11
C ASN D 88 -14.26 19.10 -18.42
N ASP D 89 -14.37 19.79 -19.55
CA ASP D 89 -13.93 19.21 -20.82
C ASP D 89 -12.41 19.27 -20.97
N THR D 90 -11.72 19.87 -20.03
CA THR D 90 -10.26 19.84 -20.00
C THR D 90 -9.79 18.39 -19.91
N ALA D 91 -9.09 17.93 -20.94
CA ALA D 91 -8.70 16.53 -21.04
C ALA D 91 -7.66 16.37 -22.14
N ILE D 92 -7.10 15.17 -22.22
CA ILE D 92 -6.23 14.80 -23.33
C ILE D 92 -7.08 14.10 -24.37
N TYR D 93 -7.04 14.59 -25.60
CA TYR D 93 -7.86 14.07 -26.70
C TYR D 93 -6.98 13.28 -27.65
N TYR D 94 -7.43 12.08 -28.02
CA TYR D 94 -6.69 11.19 -28.90
C TYR D 94 -7.47 10.94 -30.18
N CYS D 95 -6.73 10.66 -31.25
CA CYS D 95 -7.27 9.97 -32.41
C CYS D 95 -6.62 8.59 -32.49
N ALA D 96 -7.39 7.61 -32.93
CA ALA D 96 -6.93 6.23 -32.90
C ALA D 96 -7.48 5.46 -34.09
N ARG D 97 -6.80 4.37 -34.43
CA ARG D 97 -7.19 3.48 -35.51
C ARG D 97 -7.28 2.05 -34.99
N ALA D 98 -8.27 1.31 -35.47
CA ALA D 98 -8.46 -0.06 -35.05
C ALA D 98 -7.65 -1.02 -35.92
N LEU D 99 -7.54 -2.26 -35.45
CA LEU D 99 -6.83 -3.29 -36.23
C LEU D 99 -7.53 -3.56 -37.56
N THR D 100 -8.85 -3.74 -37.52
CA THR D 100 -9.64 -3.97 -38.71
C THR D 100 -10.54 -2.77 -38.97
N TYR D 101 -10.93 -2.62 -40.24
CA TYR D 101 -11.62 -1.41 -40.67
C TYR D 101 -12.93 -1.18 -39.95
N TYR D 102 -13.51 -2.22 -39.36
CA TYR D 102 -14.84 -2.14 -38.78
C TYR D 102 -14.85 -2.26 -37.26
N ASP D 103 -13.73 -2.60 -36.64
CA ASP D 103 -13.69 -2.99 -35.24
C ASP D 103 -13.37 -1.80 -34.34
N TYR D 104 -13.19 -2.06 -33.04
CA TYR D 104 -12.96 -1.02 -32.05
C TYR D 104 -11.76 -1.33 -31.16
N GLU D 105 -10.89 -2.24 -31.58
CA GLU D 105 -9.67 -2.55 -30.83
C GLU D 105 -8.58 -1.60 -31.31
N PHE D 106 -8.35 -0.53 -30.55
CA PHE D 106 -7.46 0.56 -30.97
C PHE D 106 -6.01 0.13 -30.79
N ALA D 107 -5.42 -0.38 -31.87
CA ALA D 107 -4.03 -0.80 -31.85
C ALA D 107 -3.05 0.33 -32.15
N TYR D 108 -3.53 1.44 -32.72
CA TYR D 108 -2.67 2.56 -33.09
C TYR D 108 -3.27 3.84 -32.55
N TRP D 109 -2.45 4.64 -31.88
CA TRP D 109 -2.90 5.88 -31.25
C TRP D 109 -2.05 7.05 -31.72
N GLY D 110 -2.64 8.25 -31.64
CA GLY D 110 -1.87 9.47 -31.76
C GLY D 110 -1.22 9.82 -30.43
N GLN D 111 -0.34 10.83 -30.47
CA GLN D 111 0.36 11.21 -29.25
C GLN D 111 -0.52 11.99 -28.29
N GLY D 112 -1.72 12.39 -28.70
CA GLY D 112 -2.62 13.08 -27.80
C GLY D 112 -2.43 14.58 -27.82
N THR D 113 -3.49 15.30 -27.49
CA THR D 113 -3.48 16.76 -27.43
C THR D 113 -4.07 17.19 -26.09
N LEU D 114 -3.27 17.85 -25.27
CA LEU D 114 -3.73 18.35 -23.99
C LEU D 114 -4.50 19.65 -24.20
N VAL D 115 -5.78 19.64 -23.84
CA VAL D 115 -6.67 20.78 -24.05
C VAL D 115 -7.07 21.32 -22.69
N THR D 116 -6.79 22.60 -22.47
CA THR D 116 -7.16 23.28 -21.22
C THR D 116 -8.27 24.28 -21.51
N VAL D 117 -9.37 24.16 -20.78
CA VAL D 117 -10.47 25.12 -20.86
C VAL D 117 -10.34 26.07 -19.69
N SER D 118 -10.11 27.34 -19.99
CA SER D 118 -9.85 28.34 -18.96
C SER D 118 -10.02 29.72 -19.56
N ALA D 119 -10.35 30.69 -18.71
CA ALA D 119 -10.49 32.07 -19.13
C ALA D 119 -9.18 32.86 -19.04
N ALA D 120 -8.12 32.23 -18.55
CA ALA D 120 -6.84 32.92 -18.38
C ALA D 120 -6.15 33.10 -19.73
N SER D 121 -4.98 33.72 -19.68
CA SER D 121 -4.17 34.01 -20.85
C SER D 121 -3.02 33.01 -20.99
N THR D 122 -2.56 32.85 -22.23
CA THR D 122 -1.39 32.02 -22.49
C THR D 122 -0.13 32.81 -22.15
N LYS D 123 0.78 32.20 -21.39
CA LYS D 123 2.02 32.84 -21.00
C LYS D 123 3.16 31.83 -21.07
N GLY D 124 4.24 32.22 -21.73
CA GLY D 124 5.42 31.39 -21.80
C GLY D 124 6.23 31.44 -20.52
N PRO D 125 7.07 30.45 -20.30
CA PRO D 125 7.81 30.35 -19.04
C PRO D 125 9.14 31.09 -19.08
N SER D 126 9.70 31.27 -17.89
CA SER D 126 11.09 31.65 -17.72
C SER D 126 11.89 30.42 -17.30
N VAL D 127 13.13 30.34 -17.78
CA VAL D 127 13.99 29.18 -17.52
C VAL D 127 15.22 29.67 -16.78
N PHE D 128 15.44 29.12 -15.58
CA PHE D 128 16.56 29.48 -14.74
C PHE D 128 17.43 28.26 -14.45
N PRO D 129 18.72 28.45 -14.19
CA PRO D 129 19.59 27.31 -13.94
C PRO D 129 19.48 26.81 -12.50
N LEU D 130 19.55 25.49 -12.34
CA LEU D 130 19.72 24.86 -11.04
C LEU D 130 21.15 24.36 -11.00
N ALA D 131 22.05 25.22 -10.52
CA ALA D 131 23.48 24.96 -10.66
C ALA D 131 24.11 24.58 -9.33
N PRO D 132 24.98 23.57 -9.32
CA PRO D 132 25.70 23.22 -8.10
C PRO D 132 26.87 24.16 -7.84
N SER D 133 27.32 24.15 -6.59
CA SER D 133 28.44 25.02 -6.19
C SER D 133 29.80 24.34 -6.44
N GLY D 140 31.30 11.87 -6.00
CA GLY D 140 31.67 12.80 -7.05
C GLY D 140 30.58 12.95 -8.09
N THR D 141 29.33 12.77 -7.66
CA THR D 141 28.18 12.97 -8.52
C THR D 141 27.59 14.36 -8.27
N ALA D 142 27.39 15.11 -9.36
CA ALA D 142 26.83 16.45 -9.29
C ALA D 142 25.42 16.44 -9.85
N ALA D 143 24.56 17.26 -9.27
CA ALA D 143 23.19 17.44 -9.74
C ALA D 143 23.03 18.85 -10.28
N LEU D 144 22.43 18.94 -11.47
CA LEU D 144 22.10 20.23 -12.06
C LEU D 144 20.76 20.10 -12.76
N GLY D 145 20.14 21.24 -13.04
CA GLY D 145 18.84 21.20 -13.67
C GLY D 145 18.38 22.56 -14.11
N CYS D 146 17.12 22.61 -14.56
CA CYS D 146 16.49 23.82 -15.07
C CYS D 146 15.16 24.02 -14.38
N LEU D 147 14.89 25.26 -13.99
CA LEU D 147 13.60 25.64 -13.40
C LEU D 147 12.76 26.30 -14.48
N VAL D 148 11.65 25.65 -14.85
CA VAL D 148 10.73 26.16 -15.85
C VAL D 148 9.55 26.75 -15.08
N LYS D 149 9.50 28.08 -14.99
CA LYS D 149 8.66 28.76 -14.03
C LYS D 149 7.70 29.74 -14.70
N ASP D 150 6.45 29.75 -14.20
CA ASP D 150 5.43 30.74 -14.57
C ASP D 150 4.98 30.61 -16.02
N TYR D 151 4.29 29.52 -16.35
CA TYR D 151 3.73 29.35 -17.68
C TYR D 151 2.30 28.83 -17.57
N PHE D 152 1.54 29.09 -18.63
CA PHE D 152 0.16 28.62 -18.73
C PHE D 152 -0.27 28.61 -20.20
N PRO D 153 -0.95 27.54 -20.62
CA PRO D 153 -1.26 26.37 -19.80
C PRO D 153 -0.24 25.28 -19.99
N GLU D 154 -0.54 24.09 -19.49
CA GLU D 154 0.29 22.93 -19.72
C GLU D 154 0.06 22.47 -21.17
N PRO D 155 0.97 21.64 -21.70
CA PRO D 155 2.21 21.13 -21.12
C PRO D 155 3.45 21.86 -21.63
N VAL D 156 4.59 21.53 -21.04
CA VAL D 156 5.89 21.94 -21.55
C VAL D 156 6.77 20.70 -21.62
N THR D 157 7.55 20.59 -22.68
CA THR D 157 8.46 19.46 -22.85
C THR D 157 9.89 19.92 -22.58
N VAL D 158 10.67 19.04 -21.95
CA VAL D 158 12.05 19.34 -21.60
C VAL D 158 12.91 18.14 -21.98
N SER D 159 13.95 18.39 -22.78
CA SER D 159 14.96 17.40 -23.08
C SER D 159 16.33 17.96 -22.70
N TRP D 160 17.34 17.11 -22.81
CA TRP D 160 18.71 17.48 -22.41
C TRP D 160 19.66 17.17 -23.55
N ASN D 161 20.44 18.16 -23.96
CA ASN D 161 21.40 18.04 -25.06
C ASN D 161 20.74 17.45 -26.30
N SER D 162 19.63 18.07 -26.71
CA SER D 162 18.91 17.69 -27.93
C SER D 162 18.48 16.22 -27.90
N GLY D 163 18.32 15.66 -26.71
CA GLY D 163 17.87 14.29 -26.54
C GLY D 163 18.99 13.28 -26.34
N ALA D 164 20.25 13.68 -26.53
CA ALA D 164 21.36 12.74 -26.40
C ALA D 164 21.62 12.32 -24.96
N LEU D 165 21.09 13.05 -23.99
CA LEU D 165 21.30 12.78 -22.57
C LEU D 165 19.98 12.39 -21.94
N THR D 166 19.83 11.11 -21.60
CA THR D 166 18.59 10.60 -21.02
C THR D 166 18.76 9.97 -19.64
N SER D 167 19.80 9.16 -19.46
CA SER D 167 19.98 8.47 -18.18
C SER D 167 20.29 9.48 -17.09
N GLY D 168 19.60 9.35 -15.95
CA GLY D 168 19.72 10.28 -14.85
C GLY D 168 18.78 11.47 -14.91
N VAL D 169 18.03 11.63 -15.99
CA VAL D 169 17.13 12.77 -16.15
C VAL D 169 15.82 12.48 -15.44
N HIS D 170 15.39 13.42 -14.59
CA HIS D 170 14.07 13.38 -13.97
C HIS D 170 13.39 14.71 -14.25
N THR D 171 12.32 14.67 -15.04
CA THR D 171 11.48 15.84 -15.27
C THR D 171 10.25 15.69 -14.38
N PHE D 172 10.14 16.57 -13.40
CA PHE D 172 9.09 16.42 -12.40
C PHE D 172 7.74 16.87 -12.96
N PRO D 173 6.65 16.31 -12.44
CA PRO D 173 5.33 16.80 -12.80
C PRO D 173 5.20 18.26 -12.40
N ALA D 174 4.50 19.03 -13.24
CA ALA D 174 4.31 20.44 -12.93
C ALA D 174 3.33 20.61 -11.77
N VAL D 175 3.55 21.65 -10.99
CA VAL D 175 2.67 22.01 -9.89
C VAL D 175 1.98 23.33 -10.24
N LEU D 176 0.73 23.47 -9.81
CA LEU D 176 -0.03 24.70 -10.03
C LEU D 176 0.24 25.65 -8.87
N GLN D 177 0.96 26.75 -9.16
CA GLN D 177 1.26 27.73 -8.13
C GLN D 177 0.00 28.50 -7.73
N SER D 178 0.09 29.19 -6.60
CA SER D 178 -1.04 29.97 -6.11
C SER D 178 -1.42 31.11 -7.05
N SER D 179 -0.50 31.52 -7.93
CA SER D 179 -0.78 32.57 -8.90
C SER D 179 -1.52 32.07 -10.13
N GLY D 180 -1.88 30.79 -10.18
CA GLY D 180 -2.51 30.22 -11.34
C GLY D 180 -1.57 29.83 -12.46
N LEU D 181 -0.27 30.02 -12.30
CA LEU D 181 0.73 29.65 -13.28
C LEU D 181 1.41 28.34 -12.87
N TYR D 182 1.81 27.57 -13.87
CA TYR D 182 2.46 26.29 -13.62
C TYR D 182 3.97 26.47 -13.46
N SER D 183 4.60 25.46 -12.89
CA SER D 183 6.05 25.47 -12.69
C SER D 183 6.51 24.03 -12.52
N LEU D 184 7.65 23.70 -13.12
CA LEU D 184 8.25 22.38 -12.91
C LEU D 184 9.76 22.53 -12.95
N SER D 185 10.43 21.41 -12.70
CA SER D 185 11.89 21.35 -12.75
C SER D 185 12.29 20.06 -13.44
N SER D 186 13.43 20.11 -14.12
CA SER D 186 14.03 18.94 -14.74
C SER D 186 15.49 18.90 -14.31
N VAL D 187 15.91 17.78 -13.75
CA VAL D 187 17.26 17.64 -13.20
C VAL D 187 17.93 16.41 -13.81
N VAL D 188 19.24 16.37 -13.67
CA VAL D 188 20.04 15.24 -14.16
C VAL D 188 21.30 15.17 -13.31
N THR D 189 21.75 13.96 -13.02
CA THR D 189 22.99 13.73 -12.30
C THR D 189 24.10 13.40 -13.28
N VAL D 190 25.24 14.05 -13.11
CA VAL D 190 26.38 13.88 -14.01
C VAL D 190 27.63 13.74 -13.17
N PRO D 191 28.69 13.12 -13.72
CA PRO D 191 29.96 13.08 -13.00
C PRO D 191 30.51 14.48 -12.80
N SER D 192 30.93 14.77 -11.55
CA SER D 192 31.39 16.11 -11.22
C SER D 192 32.57 16.54 -12.08
N SER D 193 33.43 15.59 -12.47
CA SER D 193 34.63 15.94 -13.22
C SER D 193 34.36 16.24 -14.69
N SER D 194 33.10 16.20 -15.12
CA SER D 194 32.75 16.57 -16.49
C SER D 194 32.06 17.92 -16.58
N LEU D 195 31.91 18.63 -15.46
CA LEU D 195 31.21 19.91 -15.48
C LEU D 195 31.99 20.99 -16.22
N GLY D 196 33.31 20.83 -16.34
CA GLY D 196 34.12 21.85 -16.99
C GLY D 196 34.22 21.69 -18.49
N THR D 197 34.20 20.45 -18.98
CA THR D 197 34.43 20.16 -20.39
C THR D 197 33.17 19.80 -21.16
N GLN D 198 32.19 19.17 -20.52
CA GLN D 198 30.98 18.74 -21.21
C GLN D 198 29.89 19.79 -21.08
N THR D 199 29.23 20.08 -22.18
CA THR D 199 28.13 21.04 -22.18
C THR D 199 26.85 20.33 -21.78
N TYR D 200 26.01 21.03 -21.03
CA TYR D 200 24.74 20.49 -20.54
C TYR D 200 23.66 21.54 -20.77
N ILE D 201 22.74 21.24 -21.68
CA ILE D 201 21.72 22.18 -22.10
C ILE D 201 20.36 21.54 -21.93
N CYS D 202 19.45 22.23 -21.25
CA CYS D 202 18.06 21.81 -21.20
C CYS D 202 17.30 22.47 -22.35
N ASN D 203 16.50 21.68 -23.05
CA ASN D 203 15.74 22.15 -24.20
C ASN D 203 14.29 22.29 -23.76
N VAL D 204 13.92 23.51 -23.36
CA VAL D 204 12.56 23.80 -22.93
C VAL D 204 11.76 24.26 -24.13
N ASN D 205 10.55 23.72 -24.28
CA ASN D 205 9.65 24.09 -25.37
C ASN D 205 8.22 24.06 -24.84
N HIS D 206 7.57 25.22 -24.84
CA HIS D 206 6.20 25.39 -24.41
C HIS D 206 5.39 25.78 -25.64
N LYS D 207 4.79 24.79 -26.28
CA LYS D 207 4.11 24.94 -27.57
C LYS D 207 2.88 25.84 -27.56
N PRO D 208 2.07 25.87 -26.48
CA PRO D 208 0.94 26.80 -26.45
C PRO D 208 1.32 28.26 -26.68
N SER D 209 2.53 28.66 -26.27
CA SER D 209 3.01 30.02 -26.49
C SER D 209 4.12 30.09 -27.54
N ASN D 210 4.42 28.97 -28.21
CA ASN D 210 5.50 28.87 -29.19
C ASN D 210 6.79 29.46 -28.63
N THR D 211 7.15 29.06 -27.41
CA THR D 211 8.31 29.56 -26.69
C THR D 211 9.33 28.43 -26.55
N LYS D 212 10.45 28.57 -27.28
CA LYS D 212 11.55 27.61 -27.20
C LYS D 212 12.75 28.28 -26.55
N VAL D 213 13.36 27.60 -25.58
CA VAL D 213 14.54 28.11 -24.88
C VAL D 213 15.53 26.96 -24.68
N ASP D 214 16.78 27.19 -25.04
CA ASP D 214 17.89 26.30 -24.74
C ASP D 214 18.79 26.98 -23.72
N LYS D 215 18.90 26.39 -22.53
CA LYS D 215 19.62 27.00 -21.41
C LYS D 215 20.79 26.11 -21.02
N ARG D 216 22.00 26.69 -21.01
CA ARG D 216 23.16 25.98 -20.48
C ARG D 216 23.20 26.11 -18.96
N VAL D 217 23.49 25.00 -18.29
CA VAL D 217 23.55 24.95 -16.83
C VAL D 217 24.95 24.53 -16.44
N GLU D 218 25.64 25.40 -15.71
CA GLU D 218 27.01 25.16 -15.27
C GLU D 218 27.19 25.78 -13.91
N PRO D 219 28.16 25.31 -13.12
CA PRO D 219 28.36 25.90 -11.79
C PRO D 219 28.78 27.36 -11.89
N LYS D 220 28.28 28.17 -10.95
CA LYS D 220 28.53 29.60 -10.94
C LYS D 220 29.79 29.95 -10.15
N CYS E 2 3.83 -12.66 2.22
CA CYS E 2 3.33 -12.51 3.59
C CYS E 2 3.44 -13.82 4.36
N GLN E 3 3.82 -13.77 5.63
CA GLN E 3 3.84 -14.95 6.47
C GLN E 3 2.94 -14.78 7.69
N PHE E 4 2.27 -15.87 8.07
CA PHE E 4 1.40 -15.86 9.23
C PHE E 4 2.23 -15.74 10.51
N ASP E 5 1.73 -14.94 11.46
CA ASP E 5 2.42 -14.66 12.71
C ASP E 5 1.67 -15.33 13.85
N LEU E 6 2.35 -16.25 14.54
CA LEU E 6 1.71 -16.99 15.62
C LEU E 6 1.36 -16.10 16.81
N SER E 7 2.09 -15.00 16.98
CA SER E 7 1.86 -14.12 18.12
C SER E 7 0.58 -13.30 17.96
N THR E 8 0.35 -12.74 16.77
CA THR E 8 -0.80 -11.88 16.52
C THR E 8 -1.92 -12.57 15.75
N ARG E 9 -1.70 -13.79 15.25
CA ARG E 9 -2.65 -14.48 14.39
C ARG E 9 -2.99 -13.66 13.14
N ARG E 10 -2.08 -12.78 12.73
CA ARG E 10 -2.27 -11.95 11.55
C ARG E 10 -1.14 -12.20 10.58
N LEU E 11 -1.38 -11.83 9.32
CA LEU E 11 -0.35 -11.95 8.29
C LEU E 11 0.65 -10.82 8.42
N LYS E 12 1.92 -11.15 8.35
CA LYS E 12 2.99 -10.17 8.44
C LYS E 12 3.74 -10.10 7.12
N CYS F 2 -8.79 6.72 -6.92
CA CYS F 2 -7.76 7.27 -7.81
C CYS F 2 -8.33 8.23 -8.87
N GLN F 3 -7.49 9.14 -9.37
CA GLN F 3 -7.88 10.06 -10.44
C GLN F 3 -6.78 10.21 -11.47
N PHE F 4 -7.18 10.60 -12.68
CA PHE F 4 -6.27 10.73 -13.80
C PHE F 4 -5.60 12.11 -13.80
N ASP F 5 -4.29 12.11 -14.00
CA ASP F 5 -3.47 13.32 -13.99
C ASP F 5 -3.08 13.66 -15.42
N LEU F 6 -3.45 14.86 -15.87
CA LEU F 6 -3.09 15.29 -17.21
C LEU F 6 -1.59 15.58 -17.34
N SER F 7 -0.94 15.96 -16.25
CA SER F 7 0.47 16.29 -16.30
C SER F 7 1.33 15.06 -16.57
N THR F 8 0.94 13.90 -16.02
CA THR F 8 1.73 12.69 -16.12
C THR F 8 1.06 11.56 -16.89
N ARG F 9 -0.21 11.71 -17.27
CA ARG F 9 -0.96 10.64 -17.93
C ARG F 9 -0.95 9.36 -17.09
N ARG F 10 -0.88 9.52 -15.78
CA ARG F 10 -0.89 8.39 -14.85
C ARG F 10 -1.97 8.59 -13.81
N LEU F 11 -2.43 7.48 -13.22
CA LEU F 11 -3.41 7.55 -12.16
C LEU F 11 -2.77 8.05 -10.88
N LYS F 12 -3.41 9.01 -10.23
CA LYS F 12 -2.95 9.54 -8.96
C LYS F 12 -3.86 9.04 -7.85
#